data_3KTC
#
_entry.id   3KTC
#
_cell.length_a   79.653
_cell.length_b   79.653
_cell.length_c   194.406
_cell.angle_alpha   90.000
_cell.angle_beta   90.000
_cell.angle_gamma   120.000
#
_symmetry.space_group_name_H-M   'P 31 2 1'
#
loop_
_entity.id
_entity.type
_entity.pdbx_description
1 polymer 'Xylose isomerase'
2 non-polymer 'FE (III) ION'
3 non-polymer 'MAGNESIUM ION'
4 non-polymer 'CHLORIDE ION'
5 non-polymer 'UNKNOWN LIGAND'
6 non-polymer 1,2-ETHANEDIOL
7 water water
#
_entity_poly.entity_id   1
_entity_poly.type   'polypeptide(L)'
_entity_poly.pdbx_seq_one_letter_code
;G(MSE)ATYNYPEFGAGLWHFANYIDRYAVDGYGPALSTIDQINAAKEVGELSYVDLPYPFTPGVTLSEVKDALKDAGLK
AIGITPEIYLQKWSRGAFTNPDPAARAAAFEL(MSE)HESAGIVRELGANYVKVWPGQDGWDYPFQVSHKNLWKLAVDG
(MSE)RDLAGANPDVKFAIEYKPREPRVK(MSE)TWDSAARTLLGIEDIGLDNVGVLLDFGHALYGGESPADSAQLIIDR
GRLFG(MSE)DVNDNLRGWDDDLVVGTVH(MSE)TEIFEFFYVLKINNWQGVWQLDQFPFRENHVEAAQLSIRFLKHIYR
ALDKLDIPALQAAQEAQNPLQAQRIVQDALLSSITVSE
;
_entity_poly.pdbx_strand_id   A,B
#
loop_
_chem_comp.id
_chem_comp.type
_chem_comp.name
_chem_comp.formula
CL non-polymer 'CHLORIDE ION' 'Cl -1'
EDO non-polymer 1,2-ETHANEDIOL 'C2 H6 O2'
FE non-polymer 'FE (III) ION' 'Fe 3'
MG non-polymer 'MAGNESIUM ION' 'Mg 2'
UNL non-polymer 'UNKNOWN LIGAND' ?
#
# COMPACT_ATOMS: atom_id res chain seq x y z
N ALA A 3 -8.79 -40.61 -9.80
CA ALA A 3 -9.29 -39.26 -9.37
C ALA A 3 -9.83 -38.44 -10.56
N THR A 4 -11.00 -37.84 -10.38
CA THR A 4 -11.63 -37.00 -11.41
C THR A 4 -11.95 -35.63 -10.80
N TYR A 5 -11.75 -34.59 -11.60
CA TYR A 5 -11.89 -33.22 -11.11
C TYR A 5 -12.78 -32.40 -11.99
N ASN A 6 -13.58 -31.55 -11.36
N ASN A 6 -13.60 -31.56 -11.38
CA ASN A 6 -14.39 -30.57 -12.08
CA ASN A 6 -14.40 -30.58 -12.10
C ASN A 6 -13.60 -29.28 -12.00
C ASN A 6 -13.62 -29.28 -12.01
N TYR A 7 -12.75 -29.06 -12.99
CA TYR A 7 -11.86 -27.90 -12.97
C TYR A 7 -12.62 -26.58 -13.12
N PRO A 8 -12.04 -25.51 -12.59
CA PRO A 8 -12.58 -24.18 -12.76
C PRO A 8 -12.64 -23.80 -14.24
N GLU A 9 -13.48 -22.83 -14.55
CA GLU A 9 -13.47 -22.26 -15.89
C GLU A 9 -12.25 -21.35 -15.97
N PHE A 10 -11.58 -21.38 -17.12
CA PHE A 10 -10.38 -20.61 -17.36
C PHE A 10 -10.67 -19.49 -18.35
N GLY A 11 -9.95 -18.41 -18.18
CA GLY A 11 -10.06 -17.29 -19.13
C GLY A 11 -8.73 -16.59 -19.30
N ALA A 12 -8.66 -15.67 -20.25
CA ALA A 12 -7.47 -14.89 -20.44
C ALA A 12 -7.84 -13.53 -20.97
N GLY A 13 -7.04 -12.53 -20.64
CA GLY A 13 -7.14 -11.30 -21.38
C GLY A 13 -6.85 -11.56 -22.84
N LEU A 14 -7.61 -10.96 -23.75
CA LEU A 14 -7.42 -11.26 -25.16
C LEU A 14 -6.00 -10.90 -25.60
N TRP A 15 -5.45 -9.85 -24.99
CA TRP A 15 -4.09 -9.39 -25.23
C TRP A 15 -3.02 -10.43 -24.90
N HIS A 16 -3.37 -11.50 -24.20
CA HIS A 16 -2.46 -12.65 -24.05
C HIS A 16 -2.07 -13.19 -25.42
N PHE A 17 -2.90 -12.94 -26.45
CA PHE A 17 -2.66 -13.40 -27.81
C PHE A 17 -2.36 -12.31 -28.82
N ALA A 18 -2.08 -11.10 -28.31
CA ALA A 18 -1.60 -10.01 -29.14
C ALA A 18 -0.08 -10.08 -29.15
N ASN A 19 0.53 -9.43 -30.13
CA ASN A 19 1.96 -9.20 -30.10
C ASN A 19 2.17 -7.79 -29.59
N TYR A 20 3.27 -7.58 -28.90
CA TYR A 20 3.46 -6.37 -28.12
C TYR A 20 4.49 -5.44 -28.74
N ILE A 21 4.70 -4.33 -28.06
N ILE A 21 4.61 -4.29 -28.10
CA ILE A 21 5.64 -3.31 -28.51
CA ILE A 21 5.56 -3.23 -28.45
C ILE A 21 6.09 -2.62 -27.22
C ILE A 21 6.15 -2.73 -27.13
N ASP A 22 7.33 -2.14 -27.20
CA ASP A 22 7.85 -1.39 -26.06
C ASP A 22 8.71 -0.24 -26.57
N ARG A 23 9.28 0.55 -25.66
CA ARG A 23 10.01 1.74 -26.06
C ARG A 23 11.32 1.46 -26.79
N TYR A 24 11.74 0.20 -26.81
CA TYR A 24 12.99 -0.22 -27.46
C TYR A 24 12.69 -0.95 -28.76
N ALA A 25 11.96 -2.07 -28.69
CA ALA A 25 11.54 -2.80 -29.88
C ALA A 25 10.30 -2.07 -30.40
N VAL A 26 10.53 -0.89 -30.95
CA VAL A 26 9.44 -0.03 -31.41
C VAL A 26 8.81 -0.57 -32.67
N ASP A 27 9.45 -1.54 -33.31
CA ASP A 27 8.90 -2.23 -34.47
C ASP A 27 8.14 -3.51 -34.10
N GLY A 28 7.98 -3.74 -32.80
CA GLY A 28 7.09 -4.77 -32.28
C GLY A 28 7.75 -6.10 -32.06
N TYR A 29 7.14 -6.90 -31.21
N TYR A 29 7.14 -6.96 -31.26
CA TYR A 29 7.54 -8.29 -30.93
CA TYR A 29 7.70 -8.29 -30.96
C TYR A 29 6.59 -9.19 -31.70
C TYR A 29 7.21 -9.39 -31.92
N GLY A 30 6.54 -8.99 -33.00
CA GLY A 30 5.82 -9.88 -33.91
C GLY A 30 4.83 -9.00 -34.63
N PRO A 31 4.12 -9.56 -35.61
CA PRO A 31 3.16 -8.79 -36.41
C PRO A 31 1.88 -8.40 -35.65
N ALA A 32 1.23 -7.34 -36.10
CA ALA A 32 0.01 -6.85 -35.48
C ALA A 32 -1.09 -7.88 -35.76
N LEU A 33 -1.77 -8.31 -34.70
CA LEU A 33 -2.88 -9.26 -34.83
C LEU A 33 -4.19 -8.53 -34.54
N SER A 34 -5.20 -8.78 -35.37
CA SER A 34 -6.49 -8.15 -35.14
C SER A 34 -7.19 -8.80 -33.95
N THR A 35 -8.27 -8.17 -33.51
CA THR A 35 -9.11 -8.72 -32.45
C THR A 35 -9.54 -10.13 -32.80
N ILE A 36 -9.89 -10.32 -34.07
CA ILE A 36 -10.37 -11.63 -34.56
C ILE A 36 -9.24 -12.65 -34.56
N ASP A 37 -8.05 -12.27 -35.04
CA ASP A 37 -6.87 -13.15 -34.97
C ASP A 37 -6.59 -13.58 -33.52
N GLN A 38 -6.75 -12.66 -32.59
CA GLN A 38 -6.49 -12.95 -31.18
C GLN A 38 -7.52 -13.94 -30.61
N ILE A 39 -8.78 -13.79 -30.99
CA ILE A 39 -9.83 -14.73 -30.58
C ILE A 39 -9.52 -16.11 -31.17
N ASN A 40 -9.12 -16.16 -32.43
CA ASN A 40 -8.76 -17.44 -33.07
C ASN A 40 -7.58 -18.10 -32.35
N ALA A 41 -6.61 -17.30 -31.93
CA ALA A 41 -5.50 -17.78 -31.11
C ALA A 41 -5.96 -18.36 -29.78
N ALA A 42 -6.85 -17.65 -29.09
CA ALA A 42 -7.36 -18.12 -27.80
C ALA A 42 -8.04 -19.46 -27.99
N LYS A 43 -8.72 -19.64 -29.12
CA LYS A 43 -9.34 -20.92 -29.43
C LYS A 43 -8.34 -22.09 -29.44
N GLU A 44 -7.13 -21.83 -29.94
N GLU A 44 -7.13 -21.84 -29.94
CA GLU A 44 -6.09 -22.86 -30.05
CA GLU A 44 -6.14 -22.90 -30.05
C GLU A 44 -5.60 -23.36 -28.71
C GLU A 44 -5.54 -23.33 -28.72
N VAL A 45 -5.78 -22.59 -27.64
CA VAL A 45 -5.32 -23.02 -26.32
C VAL A 45 -6.01 -24.32 -25.94
N GLY A 46 -7.32 -24.40 -26.19
N GLY A 46 -7.31 -24.38 -26.20
CA GLY A 46 -8.08 -25.61 -25.97
CA GLY A 46 -8.11 -25.56 -25.99
C GLY A 46 -8.63 -25.84 -24.58
C GLY A 46 -8.99 -25.52 -24.75
N GLU A 47 -8.53 -24.85 -23.72
CA GLU A 47 -9.11 -24.94 -22.39
C GLU A 47 -9.77 -23.68 -21.88
N LEU A 48 -9.76 -22.61 -22.68
CA LEU A 48 -10.35 -21.36 -22.25
C LEU A 48 -11.84 -21.31 -22.52
N SER A 49 -12.56 -20.68 -21.61
CA SER A 49 -13.98 -20.45 -21.76
C SER A 49 -14.33 -18.97 -21.90
N TYR A 50 -13.42 -18.09 -21.47
CA TYR A 50 -13.68 -16.66 -21.43
C TYR A 50 -12.50 -15.88 -21.88
N VAL A 51 -12.77 -14.71 -22.43
CA VAL A 51 -11.75 -13.71 -22.66
C VAL A 51 -12.23 -12.34 -22.20
N ASP A 52 -11.27 -11.47 -21.89
CA ASP A 52 -11.52 -10.04 -21.62
C ASP A 52 -11.08 -9.30 -22.87
N LEU A 53 -12.02 -8.61 -23.53
CA LEU A 53 -11.73 -7.94 -24.79
C LEU A 53 -11.50 -6.43 -24.63
N PRO A 54 -10.34 -5.94 -25.09
CA PRO A 54 -10.16 -4.50 -25.20
C PRO A 54 -11.14 -3.87 -26.18
N TYR A 55 -11.55 -2.64 -25.89
CA TYR A 55 -12.47 -1.91 -26.73
C TYR A 55 -12.00 -0.48 -26.84
N PRO A 56 -12.02 0.12 -28.05
CA PRO A 56 -12.45 -0.40 -29.34
C PRO A 56 -11.65 -1.60 -29.80
N PHE A 57 -12.27 -2.39 -30.68
CA PHE A 57 -11.61 -3.53 -31.30
C PHE A 57 -10.61 -2.98 -32.30
N THR A 58 -9.74 -3.83 -32.82
CA THR A 58 -8.76 -3.36 -33.82
C THR A 58 -9.46 -2.77 -35.06
N PRO A 59 -8.77 -1.90 -35.82
CA PRO A 59 -9.41 -1.22 -36.96
C PRO A 59 -10.17 -2.11 -37.91
N GLY A 60 -11.40 -1.72 -38.24
CA GLY A 60 -12.22 -2.49 -39.15
C GLY A 60 -13.04 -3.59 -38.53
N VAL A 61 -12.71 -4.01 -37.31
CA VAL A 61 -13.42 -5.11 -36.66
C VAL A 61 -14.74 -4.64 -36.07
N THR A 62 -15.82 -5.32 -36.41
CA THR A 62 -17.14 -4.95 -35.88
C THR A 62 -17.57 -5.88 -34.77
N LEU A 63 -18.56 -5.41 -34.00
CA LEU A 63 -19.14 -6.17 -32.90
C LEU A 63 -19.74 -7.48 -33.40
N SER A 64 -20.36 -7.44 -34.57
N SER A 64 -20.37 -7.44 -34.57
CA SER A 64 -20.94 -8.64 -35.16
CA SER A 64 -20.94 -8.65 -35.18
C SER A 64 -19.87 -9.69 -35.45
C SER A 64 -19.87 -9.69 -35.46
N GLU A 65 -18.74 -9.25 -36.02
CA GLU A 65 -17.61 -10.15 -36.27
C GLU A 65 -17.02 -10.72 -34.98
N VAL A 66 -16.96 -9.90 -33.93
CA VAL A 66 -16.48 -10.36 -32.62
C VAL A 66 -17.42 -11.45 -32.08
N LYS A 67 -18.72 -11.20 -32.15
CA LYS A 67 -19.70 -12.18 -31.69
C LYS A 67 -19.53 -13.52 -32.41
N ASP A 68 -19.33 -13.47 -33.73
CA ASP A 68 -19.16 -14.67 -34.53
C ASP A 68 -17.88 -15.43 -34.16
N ALA A 69 -16.79 -14.70 -33.99
CA ALA A 69 -15.50 -15.29 -33.66
C ALA A 69 -15.55 -15.93 -32.30
N LEU A 70 -16.19 -15.25 -31.33
CA LEU A 70 -16.34 -15.77 -29.99
C LEU A 70 -17.14 -17.07 -30.01
N LYS A 71 -18.26 -17.05 -30.71
CA LYS A 71 -19.11 -18.25 -30.82
C LYS A 71 -18.32 -19.41 -31.45
N ASP A 72 -17.59 -19.14 -32.53
CA ASP A 72 -16.82 -20.18 -33.19
C ASP A 72 -15.68 -20.72 -32.35
N ALA A 73 -15.16 -19.91 -31.43
CA ALA A 73 -14.06 -20.28 -30.52
C ALA A 73 -14.53 -20.98 -29.25
N GLY A 74 -15.84 -21.03 -29.02
CA GLY A 74 -16.39 -21.52 -27.76
C GLY A 74 -16.06 -20.61 -26.59
N LEU A 75 -16.03 -19.31 -26.86
CA LEU A 75 -15.67 -18.34 -25.84
C LEU A 75 -16.78 -17.33 -25.58
N LYS A 76 -16.79 -16.84 -24.34
CA LYS A 76 -17.65 -15.75 -23.91
C LYS A 76 -16.80 -14.62 -23.37
N ALA A 77 -17.33 -13.40 -23.44
CA ALA A 77 -16.67 -12.24 -22.90
C ALA A 77 -16.91 -12.17 -21.39
N ILE A 78 -15.85 -12.18 -20.61
N ILE A 78 -15.86 -12.18 -20.59
CA ILE A 78 -15.98 -12.02 -19.16
CA ILE A 78 -16.02 -12.02 -19.14
C ILE A 78 -15.97 -10.52 -18.83
C ILE A 78 -15.91 -10.54 -18.76
N GLY A 79 -15.15 -9.78 -19.54
CA GLY A 79 -14.96 -8.36 -19.29
C GLY A 79 -14.68 -7.64 -20.59
N ILE A 80 -14.88 -6.32 -20.55
CA ILE A 80 -14.53 -5.44 -21.65
C ILE A 80 -13.64 -4.38 -21.06
N THR A 81 -12.49 -4.17 -21.69
CA THR A 81 -11.49 -3.22 -21.18
C THR A 81 -11.41 -1.99 -22.11
N PRO A 82 -12.06 -0.88 -21.74
CA PRO A 82 -11.91 0.30 -22.58
C PRO A 82 -10.45 0.75 -22.60
N GLU A 83 -9.96 1.06 -23.79
CA GLU A 83 -8.55 1.40 -23.97
C GLU A 83 -8.28 2.88 -23.69
N ILE A 84 -8.33 3.22 -22.40
CA ILE A 84 -8.24 4.58 -21.90
C ILE A 84 -6.81 5.00 -21.59
N TYR A 85 -5.85 4.31 -22.21
CA TYR A 85 -4.42 4.51 -21.97
C TYR A 85 -3.65 4.72 -23.28
N LEU A 86 -4.37 4.92 -24.39
CA LEU A 86 -3.80 5.21 -25.70
C LEU A 86 -3.35 6.66 -25.74
N GLN A 87 -2.72 7.03 -26.84
N GLN A 87 -2.72 7.03 -26.84
CA GLN A 87 -2.15 8.38 -27.03
CA GLN A 87 -2.15 8.37 -27.00
C GLN A 87 -3.08 9.50 -26.59
C GLN A 87 -3.08 9.50 -26.59
N LYS A 88 -4.35 9.41 -26.98
CA LYS A 88 -5.32 10.43 -26.64
C LYS A 88 -5.35 10.73 -25.14
N TRP A 89 -5.15 9.68 -24.34
CA TRP A 89 -5.17 9.78 -22.90
C TRP A 89 -3.81 9.52 -22.30
N SER A 90 -2.75 9.84 -23.06
CA SER A 90 -1.40 9.60 -22.54
C SER A 90 -1.06 10.44 -21.31
N ARG A 91 -1.82 11.50 -21.04
CA ARG A 91 -1.65 12.32 -19.85
C ARG A 91 -2.80 12.13 -18.86
N GLY A 92 -3.56 11.05 -19.07
CA GLY A 92 -4.65 10.65 -18.17
C GLY A 92 -5.98 10.48 -18.88
N ALA A 93 -6.82 9.66 -18.26
CA ALA A 93 -8.20 9.44 -18.69
C ALA A 93 -9.08 10.22 -17.69
N PHE A 94 -9.36 9.65 -16.50
CA PHE A 94 -10.16 10.34 -15.52
C PHE A 94 -9.45 11.59 -15.02
N THR A 95 -8.11 11.52 -15.03
CA THR A 95 -7.29 12.56 -14.44
C THR A 95 -6.56 13.40 -15.45
N ASN A 96 -6.94 13.34 -16.72
CA ASN A 96 -6.32 14.24 -17.70
C ASN A 96 -6.47 15.71 -17.27
N PRO A 97 -5.42 16.52 -17.40
CA PRO A 97 -5.63 17.97 -17.11
C PRO A 97 -6.60 18.66 -18.04
N ASP A 98 -6.83 18.09 -19.22
CA ASP A 98 -7.75 18.67 -20.19
C ASP A 98 -9.16 18.12 -19.98
N PRO A 99 -10.13 18.96 -19.57
CA PRO A 99 -11.48 18.47 -19.32
C PRO A 99 -12.10 17.78 -20.51
N ALA A 100 -11.73 18.22 -21.72
CA ALA A 100 -12.26 17.61 -22.93
C ALA A 100 -11.81 16.15 -23.05
N ALA A 101 -10.58 15.89 -22.65
CA ALA A 101 -10.03 14.55 -22.64
C ALA A 101 -10.76 13.66 -21.62
N ARG A 102 -11.05 14.22 -20.44
CA ARG A 102 -11.79 13.50 -19.41
C ARG A 102 -13.18 13.10 -19.90
N ALA A 103 -13.82 14.03 -20.60
CA ALA A 103 -15.15 13.80 -21.18
C ALA A 103 -15.08 12.72 -22.25
N ALA A 104 -14.07 12.76 -23.10
CA ALA A 104 -13.91 11.74 -24.15
C ALA A 104 -13.65 10.36 -23.52
N ALA A 105 -12.88 10.32 -22.44
CA ALA A 105 -12.67 9.07 -21.71
C ALA A 105 -14.00 8.54 -21.19
N PHE A 106 -14.80 9.41 -20.59
CA PHE A 106 -16.10 9.00 -20.10
C PHE A 106 -16.92 8.40 -21.24
N GLU A 107 -16.94 9.08 -22.38
CA GLU A 107 -17.74 8.59 -23.51
C GLU A 107 -17.32 7.20 -23.96
N LEU A 108 -16.01 6.93 -24.04
CA LEU A 108 -15.54 5.59 -24.40
C LEU A 108 -15.93 4.55 -23.36
N MSE A 109 -15.75 4.86 -22.09
CA MSE A 109 -16.08 3.91 -21.04
C MSE A 109 -17.59 3.65 -20.96
O MSE A 109 -18.01 2.51 -20.71
CB MSE A 109 -15.53 4.37 -19.69
CG MSE A 109 -14.01 4.45 -19.74
SE MSE A 109 -13.19 4.98 -18.07
CE MSE A 109 -13.63 6.78 -18.07
N HIS A 110 -18.37 4.69 -21.17
CA HIS A 110 -19.83 4.59 -21.21
C HIS A 110 -20.26 3.67 -22.37
N GLU A 111 -19.64 3.86 -23.54
CA GLU A 111 -19.89 3.01 -24.70
C GLU A 111 -19.50 1.57 -24.40
N SER A 112 -18.38 1.40 -23.68
N SER A 112 -18.37 1.41 -23.69
CA SER A 112 -17.90 0.06 -23.35
CA SER A 112 -17.88 0.08 -23.33
C SER A 112 -18.88 -0.67 -22.42
C SER A 112 -18.82 -0.67 -22.37
N ALA A 113 -19.58 0.06 -21.56
CA ALA A 113 -20.63 -0.56 -20.73
C ALA A 113 -21.74 -1.12 -21.63
N GLY A 114 -22.06 -0.42 -22.72
CA GLY A 114 -22.97 -0.95 -23.73
C GLY A 114 -22.52 -2.25 -24.36
N ILE A 115 -21.21 -2.35 -24.62
CA ILE A 115 -20.62 -3.58 -25.18
C ILE A 115 -20.73 -4.71 -24.16
N VAL A 116 -20.50 -4.40 -22.88
CA VAL A 116 -20.74 -5.38 -21.83
C VAL A 116 -22.17 -5.90 -21.86
N ARG A 117 -23.14 -5.00 -22.01
CA ARG A 117 -24.55 -5.41 -22.11
C ARG A 117 -24.77 -6.31 -23.31
N GLU A 118 -24.25 -5.91 -24.46
CA GLU A 118 -24.43 -6.68 -25.71
C GLU A 118 -23.84 -8.07 -25.64
N LEU A 119 -22.66 -8.19 -25.05
CA LEU A 119 -21.95 -9.45 -24.99
C LEU A 119 -22.21 -10.26 -23.73
N GLY A 120 -23.05 -9.73 -22.83
CA GLY A 120 -23.36 -10.42 -21.58
C GLY A 120 -22.16 -10.61 -20.68
N ALA A 121 -21.21 -9.68 -20.74
CA ALA A 121 -20.01 -9.73 -19.91
C ALA A 121 -20.32 -9.40 -18.44
N ASN A 122 -19.40 -9.76 -17.55
CA ASN A 122 -19.57 -9.55 -16.13
C ASN A 122 -19.33 -8.10 -15.74
N TYR A 123 -18.33 -7.48 -16.36
CA TYR A 123 -17.92 -6.14 -15.96
C TYR A 123 -17.20 -5.37 -17.05
N VAL A 124 -17.22 -4.05 -16.89
CA VAL A 124 -16.29 -3.17 -17.56
C VAL A 124 -15.05 -3.21 -16.68
N LYS A 125 -13.93 -3.58 -17.27
CA LYS A 125 -12.65 -3.68 -16.55
C LYS A 125 -11.93 -2.33 -16.73
N VAL A 126 -11.83 -1.59 -15.64
CA VAL A 126 -11.31 -0.24 -15.66
C VAL A 126 -9.88 -0.26 -15.17
N TRP A 127 -8.96 0.05 -16.08
CA TRP A 127 -7.53 0.14 -15.73
C TRP A 127 -7.00 1.44 -16.27
N PRO A 128 -6.99 2.49 -15.44
CA PRO A 128 -6.63 3.82 -15.94
C PRO A 128 -5.12 4.07 -15.85
N GLY A 129 -4.40 3.30 -16.66
CA GLY A 129 -2.97 3.26 -16.60
C GLY A 129 -2.19 4.54 -16.71
N GLN A 130 -2.75 5.53 -17.41
CA GLN A 130 -2.08 6.81 -17.59
C GLN A 130 -2.43 7.81 -16.49
N ASP A 131 -3.22 7.38 -15.50
CA ASP A 131 -3.70 8.27 -14.45
C ASP A 131 -2.78 8.20 -13.26
N GLY A 132 -2.15 9.31 -12.93
CA GLY A 132 -1.23 9.32 -11.81
C GLY A 132 -0.24 10.45 -11.95
N TRP A 133 1.03 10.17 -11.66
CA TRP A 133 2.08 11.19 -11.73
C TRP A 133 3.40 10.53 -12.02
N ASP A 134 4.32 11.34 -12.54
CA ASP A 134 5.69 10.95 -12.84
C ASP A 134 6.75 11.59 -11.94
N TYR A 135 6.48 12.81 -11.44
CA TYR A 135 7.41 13.48 -10.58
C TYR A 135 6.81 13.93 -9.26
N PRO A 136 7.64 13.94 -8.20
CA PRO A 136 7.20 14.69 -7.02
C PRO A 136 6.83 16.12 -7.40
N PHE A 137 5.76 16.62 -6.79
CA PHE A 137 5.22 17.98 -6.99
C PHE A 137 4.46 18.17 -8.32
N GLN A 138 4.38 17.16 -9.19
CA GLN A 138 3.69 17.32 -10.46
C GLN A 138 2.19 17.57 -10.31
N VAL A 139 1.63 17.02 -9.24
CA VAL A 139 0.18 17.07 -9.06
C VAL A 139 -0.21 17.60 -7.70
N SER A 140 -1.42 18.15 -7.65
CA SER A 140 -2.12 18.38 -6.41
C SER A 140 -2.62 17.01 -6.00
N HIS A 141 -2.13 16.43 -4.91
CA HIS A 141 -2.60 15.08 -4.53
C HIS A 141 -4.09 15.06 -4.21
N LYS A 142 -4.55 16.11 -3.56
CA LYS A 142 -5.97 16.25 -3.27
C LYS A 142 -6.79 16.28 -4.56
N ASN A 143 -6.39 17.14 -5.49
CA ASN A 143 -7.22 17.33 -6.69
C ASN A 143 -7.15 16.13 -7.63
N LEU A 144 -5.98 15.52 -7.74
CA LEU A 144 -5.81 14.37 -8.60
C LEU A 144 -6.71 13.22 -8.12
N TRP A 145 -6.70 12.97 -6.81
CA TRP A 145 -7.49 11.85 -6.30
C TRP A 145 -8.97 12.18 -6.39
N LYS A 146 -9.32 13.44 -6.24
CA LYS A 146 -10.72 13.86 -6.41
C LYS A 146 -11.20 13.59 -7.85
N LEU A 147 -10.40 13.94 -8.85
CA LEU A 147 -10.75 13.62 -10.24
C LEU A 147 -10.92 12.11 -10.44
N ALA A 148 -10.04 11.33 -9.86
CA ALA A 148 -10.12 9.88 -9.98
C ALA A 148 -11.44 9.34 -9.41
N VAL A 149 -11.73 9.74 -8.18
CA VAL A 149 -12.93 9.25 -7.49
C VAL A 149 -14.20 9.79 -8.13
N ASP A 150 -14.24 11.10 -8.38
CA ASP A 150 -15.45 11.70 -8.97
C ASP A 150 -15.74 11.16 -10.38
N GLY A 151 -14.69 11.00 -11.20
CA GLY A 151 -14.83 10.48 -12.53
C GLY A 151 -15.35 9.05 -12.52
N MSE A 152 -14.86 8.24 -11.58
N MSE A 152 -14.88 8.25 -11.57
CA MSE A 152 -15.33 6.87 -11.45
CA MSE A 152 -15.34 6.87 -11.44
C MSE A 152 -16.80 6.86 -11.03
C MSE A 152 -16.79 6.83 -10.99
O MSE A 152 -17.62 6.09 -11.55
O MSE A 152 -17.59 5.99 -11.44
CB MSE A 152 -14.46 6.10 -10.45
CB MSE A 152 -14.43 6.11 -10.47
CG MSE A 152 -14.68 4.58 -10.42
CG MSE A 152 -14.62 4.60 -10.43
SE MSE A 152 -14.03 3.61 -12.02
SE MSE A 152 -14.52 3.70 -12.17
CE MSE A 152 -12.16 3.84 -11.75
CE MSE A 152 -16.29 3.23 -12.42
N ARG A 153 -17.16 7.75 -10.11
CA ARG A 153 -18.55 7.83 -9.66
C ARG A 153 -19.45 8.22 -10.83
N ASP A 154 -19.01 9.20 -11.61
CA ASP A 154 -19.81 9.63 -12.76
C ASP A 154 -20.08 8.47 -13.71
N LEU A 155 -19.05 7.70 -14.01
CA LEU A 155 -19.15 6.56 -14.92
C LEU A 155 -20.10 5.49 -14.39
N ALA A 156 -19.85 5.05 -13.17
CA ALA A 156 -20.65 4.00 -12.56
C ALA A 156 -22.07 4.44 -12.30
N GLY A 157 -22.25 5.68 -11.90
CA GLY A 157 -23.58 6.22 -11.64
C GLY A 157 -24.43 6.28 -12.88
N ALA A 158 -23.80 6.45 -14.04
CA ALA A 158 -24.52 6.54 -15.29
C ALA A 158 -24.92 5.16 -15.83
N ASN A 159 -24.43 4.11 -15.19
CA ASN A 159 -24.63 2.72 -15.62
C ASN A 159 -24.86 1.79 -14.42
N PRO A 160 -25.93 2.02 -13.64
CA PRO A 160 -26.13 1.28 -12.41
C PRO A 160 -26.34 -0.22 -12.58
N ASP A 161 -26.72 -0.64 -13.79
CA ASP A 161 -26.96 -2.06 -14.11
C ASP A 161 -25.70 -2.83 -14.50
N VAL A 162 -24.59 -2.14 -14.63
CA VAL A 162 -23.32 -2.75 -15.06
C VAL A 162 -22.27 -2.64 -13.96
N LYS A 163 -21.47 -3.69 -13.78
CA LYS A 163 -20.38 -3.66 -12.83
C LYS A 163 -19.11 -3.12 -13.46
N PHE A 164 -18.37 -2.37 -12.66
CA PHE A 164 -17.11 -1.75 -13.04
C PHE A 164 -16.06 -2.28 -12.08
N ALA A 165 -15.10 -3.02 -12.63
CA ALA A 165 -14.05 -3.62 -11.84
C ALA A 165 -12.78 -2.83 -12.04
N ILE A 166 -12.35 -2.20 -10.97
CA ILE A 166 -11.14 -1.36 -10.99
C ILE A 166 -9.93 -2.27 -10.80
N GLU A 167 -9.03 -2.26 -11.77
CA GLU A 167 -7.80 -3.04 -11.66
C GLU A 167 -6.70 -2.18 -11.10
N TYR A 168 -6.49 -2.27 -9.80
CA TYR A 168 -5.41 -1.49 -9.23
C TYR A 168 -4.05 -2.00 -9.67
N LYS A 169 -3.07 -1.11 -9.64
CA LYS A 169 -1.73 -1.41 -10.06
C LYS A 169 -0.80 -0.36 -9.44
N PRO A 170 0.35 -0.78 -8.88
CA PRO A 170 1.26 0.20 -8.36
C PRO A 170 1.64 1.35 -9.30
N ARG A 171 1.97 1.01 -10.53
CA ARG A 171 2.49 1.99 -11.48
C ARG A 171 2.58 1.32 -12.84
N GLU A 172 3.16 2.06 -13.81
CA GLU A 172 3.42 1.67 -15.20
C GLU A 172 2.15 1.76 -16.00
N PRO A 173 2.09 2.65 -17.01
CA PRO A 173 3.15 3.53 -17.52
C PRO A 173 3.56 4.74 -16.67
N ARG A 174 2.75 5.17 -15.71
CA ARG A 174 3.18 6.29 -14.87
C ARG A 174 4.15 5.81 -13.82
N VAL A 175 4.83 6.75 -13.18
CA VAL A 175 5.72 6.37 -12.07
C VAL A 175 4.86 5.91 -10.90
N LYS A 176 3.65 6.45 -10.78
CA LYS A 176 2.71 6.04 -9.73
C LYS A 176 1.31 6.20 -10.30
N MSE A 177 0.51 5.15 -10.22
CA MSE A 177 -0.89 5.18 -10.67
C MSE A 177 -1.81 5.61 -9.52
O MSE A 177 -1.53 5.35 -8.36
CB MSE A 177 -1.32 3.81 -11.22
CG MSE A 177 -2.43 3.92 -12.24
SE MSE A 177 -2.95 2.21 -13.02
CE MSE A 177 -4.04 1.63 -11.60
N THR A 178 -2.92 6.24 -9.87
CA THR A 178 -3.90 6.64 -8.86
C THR A 178 -4.42 5.47 -8.01
N TRP A 179 -4.94 4.44 -8.69
CA TRP A 179 -5.56 3.32 -8.00
C TRP A 179 -4.44 2.29 -7.78
N ASP A 180 -3.63 2.50 -6.76
CA ASP A 180 -2.37 1.80 -6.69
C ASP A 180 -2.28 0.55 -5.83
N SER A 181 -3.28 0.33 -5.01
CA SER A 181 -3.24 -0.78 -4.04
C SER A 181 -4.64 -1.24 -3.71
N ALA A 182 -4.73 -2.44 -3.12
CA ALA A 182 -6.04 -2.95 -2.70
C ALA A 182 -6.71 -2.00 -1.70
N ALA A 183 -5.93 -1.55 -0.71
CA ALA A 183 -6.52 -0.75 0.33
C ALA A 183 -6.96 0.61 -0.19
N ARG A 184 -6.15 1.27 -1.02
N ARG A 184 -6.13 1.25 -1.00
CA ARG A 184 -6.56 2.57 -1.50
CA ARG A 184 -6.47 2.56 -1.57
C ARG A 184 -7.79 2.40 -2.39
C ARG A 184 -7.71 2.43 -2.45
N THR A 185 -7.84 1.31 -3.13
CA THR A 185 -9.00 1.06 -3.99
C THR A 185 -10.27 0.89 -3.18
N LEU A 186 -10.19 0.15 -2.06
CA LEU A 186 -11.33 0.01 -1.20
C LEU A 186 -11.75 1.34 -0.58
N LEU A 187 -10.76 2.17 -0.23
CA LEU A 187 -11.07 3.53 0.26
C LEU A 187 -11.83 4.36 -0.78
N GLY A 188 -11.34 4.31 -2.02
CA GLY A 188 -11.97 5.01 -3.13
C GLY A 188 -13.37 4.53 -3.39
N ILE A 189 -13.56 3.22 -3.31
CA ILE A 189 -14.87 2.61 -3.48
C ILE A 189 -15.83 3.09 -2.41
N GLU A 190 -15.37 3.17 -1.16
N GLU A 190 -15.38 3.19 -1.17
CA GLU A 190 -16.18 3.73 -0.06
CA GLU A 190 -16.25 3.69 -0.11
C GLU A 190 -16.63 5.14 -0.44
C GLU A 190 -16.61 5.16 -0.37
N ASP A 191 -15.66 5.96 -0.84
CA ASP A 191 -15.93 7.35 -1.19
C ASP A 191 -16.90 7.48 -2.37
N ILE A 192 -16.74 6.65 -3.40
CA ILE A 192 -17.65 6.69 -4.56
C ILE A 192 -19.09 6.44 -4.11
N GLY A 193 -19.26 5.43 -3.24
CA GLY A 193 -20.52 5.15 -2.57
C GLY A 193 -21.53 4.39 -3.41
N LEU A 194 -21.06 3.67 -4.43
CA LEU A 194 -21.94 2.93 -5.35
C LEU A 194 -21.71 1.42 -5.29
N ASP A 195 -22.80 0.65 -5.39
CA ASP A 195 -22.75 -0.80 -5.27
C ASP A 195 -22.14 -1.51 -6.46
N ASN A 196 -22.09 -0.84 -7.60
CA ASN A 196 -21.63 -1.46 -8.84
C ASN A 196 -20.16 -1.25 -9.14
N VAL A 197 -19.40 -0.74 -8.16
CA VAL A 197 -17.96 -0.57 -8.33
C VAL A 197 -17.24 -1.56 -7.42
N GLY A 198 -16.30 -2.28 -8.01
CA GLY A 198 -15.57 -3.29 -7.30
C GLY A 198 -14.16 -3.38 -7.85
N VAL A 199 -13.49 -4.49 -7.54
CA VAL A 199 -12.07 -4.66 -7.81
C VAL A 199 -11.77 -5.84 -8.70
N LEU A 200 -10.82 -5.62 -9.62
CA LEU A 200 -10.19 -6.69 -10.39
C LEU A 200 -8.81 -6.86 -9.71
N LEU A 201 -8.62 -7.95 -8.98
CA LEU A 201 -7.38 -8.18 -8.21
C LEU A 201 -6.43 -8.98 -9.08
N ASP A 202 -5.36 -8.35 -9.52
CA ASP A 202 -4.31 -8.98 -10.31
C ASP A 202 -3.27 -9.44 -9.32
N PHE A 203 -3.11 -10.75 -9.22
CA PHE A 203 -2.14 -11.33 -8.28
C PHE A 203 -0.76 -10.70 -8.42
N GLY A 204 -0.30 -10.54 -9.66
CA GLY A 204 1.01 -9.98 -9.92
C GLY A 204 1.14 -8.53 -9.44
N HIS A 205 0.08 -7.76 -9.62
CA HIS A 205 0.08 -6.36 -9.17
C HIS A 205 0.18 -6.31 -7.67
N ALA A 206 -0.58 -7.14 -6.99
CA ALA A 206 -0.50 -7.20 -5.55
C ALA A 206 0.90 -7.58 -5.12
N LEU A 207 1.47 -8.59 -5.78
CA LEU A 207 2.76 -9.10 -5.37
C LEU A 207 3.85 -8.05 -5.53
N TYR A 208 3.95 -7.39 -6.69
CA TYR A 208 5.04 -6.44 -6.81
C TYR A 208 4.75 -5.12 -6.12
N GLY A 209 3.49 -4.89 -5.74
CA GLY A 209 3.14 -3.77 -4.87
C GLY A 209 3.49 -3.99 -3.42
N GLY A 210 4.03 -5.15 -3.07
CA GLY A 210 4.40 -5.41 -1.66
C GLY A 210 3.29 -5.97 -0.81
N GLU A 211 2.14 -6.26 -1.41
CA GLU A 211 1.05 -6.85 -0.67
C GLU A 211 1.23 -8.35 -0.50
N SER A 212 0.49 -8.93 0.45
CA SER A 212 0.20 -10.36 0.42
C SER A 212 -1.01 -10.50 -0.48
N PRO A 213 -0.88 -11.11 -1.66
CA PRO A 213 -2.08 -11.23 -2.51
C PRO A 213 -3.25 -11.95 -1.83
N ALA A 214 -2.93 -12.98 -1.04
CA ALA A 214 -3.91 -13.67 -0.25
C ALA A 214 -4.65 -12.74 0.73
N ASP A 215 -3.90 -11.92 1.46
CA ASP A 215 -4.53 -10.94 2.33
C ASP A 215 -5.38 -9.96 1.54
N SER A 216 -4.88 -9.48 0.40
CA SER A 216 -5.64 -8.54 -0.38
C SER A 216 -6.96 -9.16 -0.84
N ALA A 217 -6.92 -10.41 -1.28
CA ALA A 217 -8.14 -11.10 -1.63
C ALA A 217 -9.11 -11.13 -0.46
N GLN A 218 -8.62 -11.49 0.73
CA GLN A 218 -9.50 -11.51 1.90
C GLN A 218 -10.10 -10.14 2.21
N LEU A 219 -9.24 -9.11 2.19
CA LEU A 219 -9.67 -7.74 2.49
C LEU A 219 -10.77 -7.27 1.57
N ILE A 220 -10.59 -7.53 0.27
CA ILE A 220 -11.58 -7.15 -0.73
C ILE A 220 -12.87 -7.96 -0.64
N ILE A 221 -12.74 -9.27 -0.46
CA ILE A 221 -13.89 -10.15 -0.27
C ILE A 221 -14.70 -9.74 0.95
N ASP A 222 -14.01 -9.28 1.99
CA ASP A 222 -14.70 -8.89 3.22
C ASP A 222 -15.58 -7.66 3.04
N ARG A 223 -15.28 -6.90 2.01
N ARG A 223 -15.33 -6.87 2.02
CA ARG A 223 -16.08 -5.74 1.61
CA ARG A 223 -16.25 -5.77 1.69
C ARG A 223 -17.05 -6.06 0.45
C ARG A 223 -17.15 -6.08 0.48
N GLY A 224 -17.09 -7.32 0.00
CA GLY A 224 -17.96 -7.75 -1.09
C GLY A 224 -17.63 -7.16 -2.44
N ARG A 225 -16.36 -6.87 -2.63
CA ARG A 225 -15.94 -6.10 -3.81
C ARG A 225 -15.03 -6.85 -4.76
N LEU A 226 -14.90 -8.17 -4.63
CA LEU A 226 -13.97 -8.90 -5.51
C LEU A 226 -14.77 -9.30 -6.75
N PHE A 227 -14.70 -8.47 -7.80
CA PHE A 227 -15.45 -8.74 -9.02
C PHE A 227 -14.75 -9.72 -9.98
N GLY A 228 -13.44 -9.78 -9.90
CA GLY A 228 -12.67 -10.71 -10.71
C GLY A 228 -11.23 -10.76 -10.29
N MSE A 229 -10.49 -11.70 -10.88
CA MSE A 229 -9.07 -11.86 -10.61
C MSE A 229 -8.33 -11.93 -11.92
O MSE A 229 -8.91 -12.22 -12.96
CB MSE A 229 -8.80 -13.21 -9.92
CG MSE A 229 -8.41 -14.37 -11.00
SE MSE A 229 -8.06 -15.82 -10.46
CE MSE A 229 -9.82 -16.46 -9.78
N ASP A 230 -7.01 -11.75 -11.86
CA ASP A 230 -6.04 -11.97 -12.96
C ASP A 230 -4.87 -12.71 -12.27
N VAL A 231 -4.24 -13.70 -12.94
CA VAL A 231 -3.01 -14.30 -12.41
C VAL A 231 -1.91 -14.26 -13.46
N ASN A 232 -0.69 -14.38 -12.93
CA ASN A 232 0.58 -14.25 -13.66
C ASN A 232 1.65 -14.35 -12.56
N ASP A 233 2.91 -14.19 -12.92
CA ASP A 233 3.95 -14.16 -11.93
C ASP A 233 4.93 -13.05 -12.29
N ASN A 234 5.78 -12.74 -11.33
CA ASN A 234 6.84 -11.76 -11.52
C ASN A 234 7.91 -11.95 -10.48
N LEU A 235 8.98 -11.17 -10.57
CA LEU A 235 10.10 -11.20 -9.58
C LEU A 235 9.98 -10.16 -8.46
N ARG A 236 8.75 -9.74 -8.18
N ARG A 236 8.75 -9.69 -8.27
CA ARG A 236 8.35 -8.79 -7.11
CA ARG A 236 8.35 -8.86 -7.16
C ARG A 236 8.73 -7.35 -7.27
C ARG A 236 8.84 -7.41 -7.21
N GLY A 237 9.41 -7.00 -8.34
CA GLY A 237 9.91 -5.63 -8.56
C GLY A 237 9.18 -4.86 -9.65
N TRP A 238 8.36 -5.56 -10.44
CA TRP A 238 7.74 -4.97 -11.63
C TRP A 238 6.64 -5.91 -12.09
N ASP A 239 5.74 -5.38 -12.92
CA ASP A 239 4.64 -6.18 -13.51
C ASP A 239 5.18 -7.02 -14.66
N ASP A 240 5.98 -8.02 -14.32
CA ASP A 240 6.66 -8.81 -15.34
C ASP A 240 5.72 -9.62 -16.24
N ASP A 241 4.55 -9.97 -15.71
CA ASP A 241 3.50 -10.67 -16.49
C ASP A 241 3.99 -11.97 -17.09
N LEU A 242 4.72 -12.72 -16.27
CA LEU A 242 5.24 -14.02 -16.62
C LEU A 242 4.14 -15.05 -16.41
N VAL A 243 4.36 -16.21 -17.01
CA VAL A 243 3.50 -17.38 -16.82
C VAL A 243 3.37 -17.70 -15.31
N VAL A 244 2.12 -17.85 -14.87
CA VAL A 244 1.81 -18.19 -13.50
C VAL A 244 2.51 -19.47 -13.04
N GLY A 245 3.05 -19.42 -11.83
CA GLY A 245 3.66 -20.60 -11.24
C GLY A 245 5.10 -20.84 -11.55
N THR A 246 5.77 -19.91 -12.20
CA THR A 246 7.14 -20.09 -12.58
C THR A 246 8.15 -19.52 -11.59
N VAL A 247 7.67 -18.76 -10.60
CA VAL A 247 8.53 -18.11 -9.62
C VAL A 247 8.00 -18.28 -8.18
N HIS A 248 6.71 -18.05 -7.98
CA HIS A 248 6.07 -17.99 -6.63
C HIS A 248 4.91 -18.97 -6.46
N MSE A 249 5.22 -20.24 -6.59
N MSE A 249 5.22 -20.23 -6.57
CA MSE A 249 4.20 -21.29 -6.43
CA MSE A 249 4.19 -21.27 -6.46
C MSE A 249 3.48 -21.19 -5.10
C MSE A 249 3.49 -21.27 -5.10
O MSE A 249 2.24 -21.22 -5.03
O MSE A 249 2.27 -21.48 -5.03
CB MSE A 249 4.83 -22.67 -6.57
CB MSE A 249 4.80 -22.63 -6.77
CG MSE A 249 5.18 -22.98 -7.98
CG MSE A 249 5.37 -22.72 -8.18
SE MSE A 249 7.04 -22.64 -8.39
SE MSE A 249 6.02 -24.49 -8.62
CE MSE A 249 7.61 -24.47 -7.61
CE MSE A 249 6.07 -24.97 -6.88
N THR A 250 4.24 -21.00 -4.04
CA THR A 250 3.65 -20.97 -2.71
C THR A 250 2.61 -19.86 -2.55
N GLU A 251 2.96 -18.65 -2.95
CA GLU A 251 2.04 -17.54 -2.74
C GLU A 251 0.84 -17.58 -3.68
N ILE A 252 1.05 -18.12 -4.88
N ILE A 252 1.00 -18.13 -4.88
CA ILE A 252 -0.08 -18.31 -5.78
CA ILE A 252 -0.20 -18.23 -5.72
C ILE A 252 -1.05 -19.33 -5.16
C ILE A 252 -1.10 -19.34 -5.15
N PHE A 253 -0.52 -20.40 -4.58
CA PHE A 253 -1.33 -21.41 -3.88
C PHE A 253 -2.11 -20.76 -2.74
N GLU A 254 -1.45 -19.87 -1.99
CA GLU A 254 -2.11 -19.20 -0.89
C GLU A 254 -3.28 -18.36 -1.38
N PHE A 255 -3.08 -17.69 -2.54
CA PHE A 255 -4.11 -16.84 -3.14
C PHE A 255 -5.36 -17.66 -3.47
N PHE A 256 -5.16 -18.79 -4.14
CA PHE A 256 -6.28 -19.67 -4.44
C PHE A 256 -6.90 -20.31 -3.20
N TYR A 257 -6.06 -20.62 -2.22
CA TYR A 257 -6.59 -21.13 -0.94
C TYR A 257 -7.57 -20.10 -0.32
N VAL A 258 -7.19 -18.84 -0.30
CA VAL A 258 -8.08 -17.84 0.29
C VAL A 258 -9.38 -17.74 -0.53
N LEU A 259 -9.30 -17.81 -1.87
CA LEU A 259 -10.52 -17.78 -2.65
C LEU A 259 -11.43 -18.99 -2.28
N LYS A 260 -10.80 -20.15 -2.11
CA LYS A 260 -11.53 -21.35 -1.79
C LYS A 260 -12.28 -21.23 -0.47
N ILE A 261 -11.57 -20.83 0.58
CA ILE A 261 -12.22 -20.84 1.92
C ILE A 261 -13.29 -19.78 2.05
N ASN A 262 -13.23 -18.75 1.21
CA ASN A 262 -14.25 -17.72 1.17
C ASN A 262 -15.40 -18.02 0.21
N ASN A 263 -15.42 -19.22 -0.39
CA ASN A 263 -16.49 -19.60 -1.28
C ASN A 263 -16.60 -18.63 -2.46
N TRP A 264 -15.46 -18.05 -2.86
CA TRP A 264 -15.43 -17.15 -4.00
C TRP A 264 -15.21 -17.98 -5.25
N GLN A 265 -16.20 -17.89 -6.13
N GLN A 265 -16.18 -17.96 -6.15
CA GLN A 265 -16.29 -18.63 -7.36
CA GLN A 265 -16.15 -18.76 -7.36
C GLN A 265 -16.04 -17.62 -8.47
C GLN A 265 -16.15 -17.80 -8.54
N GLY A 266 -15.15 -17.91 -9.39
CA GLY A 266 -14.99 -17.02 -10.51
C GLY A 266 -14.13 -17.71 -11.50
N VAL A 267 -14.02 -17.07 -12.64
CA VAL A 267 -13.16 -17.56 -13.68
C VAL A 267 -11.71 -17.36 -13.26
N TRP A 268 -10.93 -18.40 -13.43
CA TRP A 268 -9.50 -18.33 -13.19
C TRP A 268 -8.90 -17.72 -14.46
N GLN A 269 -8.52 -16.46 -14.35
N GLN A 269 -8.67 -16.41 -14.40
CA GLN A 269 -8.20 -15.63 -15.48
CA GLN A 269 -8.21 -15.65 -15.55
C GLN A 269 -6.73 -15.26 -15.59
C GLN A 269 -6.71 -15.47 -15.55
N LEU A 270 -6.16 -15.48 -16.77
CA LEU A 270 -4.75 -15.18 -17.00
C LEU A 270 -4.58 -13.77 -17.54
N ASP A 271 -3.65 -13.01 -16.98
CA ASP A 271 -3.25 -11.73 -17.57
C ASP A 271 -1.73 -11.79 -17.66
N GLN A 272 -1.26 -12.21 -18.84
CA GLN A 272 0.16 -12.50 -19.07
C GLN A 272 0.56 -11.96 -20.40
N PHE A 273 1.82 -11.61 -20.54
CA PHE A 273 2.39 -11.04 -21.77
C PHE A 273 3.60 -11.87 -22.19
N PRO A 274 3.40 -12.92 -22.99
CA PRO A 274 4.50 -13.76 -23.44
C PRO A 274 5.26 -13.16 -24.60
N PHE A 275 5.97 -12.07 -24.32
CA PHE A 275 6.63 -11.26 -25.36
C PHE A 275 7.36 -12.04 -26.40
N ARG A 276 8.23 -12.94 -25.95
CA ARG A 276 9.17 -13.63 -26.80
C ARG A 276 8.87 -15.10 -26.99
N GLU A 277 7.75 -15.55 -26.42
CA GLU A 277 7.35 -16.95 -26.40
C GLU A 277 6.19 -17.20 -27.35
N ASN A 278 5.94 -18.48 -27.62
CA ASN A 278 4.71 -18.88 -28.29
C ASN A 278 3.56 -18.59 -27.30
N HIS A 279 2.66 -17.72 -27.71
CA HIS A 279 1.65 -17.21 -26.79
C HIS A 279 0.64 -18.30 -26.42
N VAL A 280 0.25 -19.10 -27.40
CA VAL A 280 -0.68 -20.19 -27.12
C VAL A 280 -0.08 -21.19 -26.15
N GLU A 281 1.17 -21.58 -26.40
N GLU A 281 1.17 -21.58 -26.40
CA GLU A 281 1.84 -22.51 -25.51
CA GLU A 281 1.86 -22.51 -25.52
C GLU A 281 2.05 -21.94 -24.10
C GLU A 281 2.02 -21.93 -24.11
N ALA A 282 2.22 -20.62 -24.00
CA ALA A 282 2.35 -19.98 -22.71
C ALA A 282 1.05 -20.15 -21.89
N ALA A 283 -0.08 -19.96 -22.58
CA ALA A 283 -1.38 -20.12 -21.94
C ALA A 283 -1.61 -21.58 -21.52
N GLN A 284 -1.18 -22.49 -22.37
CA GLN A 284 -1.33 -23.91 -22.10
C GLN A 284 -0.53 -24.32 -20.87
N LEU A 285 0.69 -23.82 -20.74
CA LEU A 285 1.51 -24.15 -19.58
C LEU A 285 0.89 -23.57 -18.31
N SER A 286 0.28 -22.40 -18.46
CA SER A 286 -0.36 -21.75 -17.36
C SER A 286 -1.52 -22.59 -16.84
N ILE A 287 -2.34 -23.09 -17.76
CA ILE A 287 -3.50 -23.87 -17.37
C ILE A 287 -3.05 -25.19 -16.75
N ARG A 288 -1.98 -25.77 -17.25
CA ARG A 288 -1.48 -26.99 -16.62
C ARG A 288 -1.14 -26.72 -15.16
N PHE A 289 -0.49 -25.60 -14.89
CA PHE A 289 -0.12 -25.29 -13.54
C PHE A 289 -1.34 -25.00 -12.67
N LEU A 290 -2.31 -24.28 -13.23
CA LEU A 290 -3.53 -23.98 -12.47
C LEU A 290 -4.32 -25.25 -12.15
N LYS A 291 -4.35 -26.23 -13.06
CA LYS A 291 -5.01 -27.51 -12.77
C LYS A 291 -4.29 -28.21 -11.62
N HIS A 292 -2.95 -28.10 -11.60
CA HIS A 292 -2.19 -28.63 -10.49
C HIS A 292 -2.59 -27.95 -9.19
N ILE A 293 -2.69 -26.62 -9.21
CA ILE A 293 -3.16 -25.89 -8.06
C ILE A 293 -4.52 -26.41 -7.57
N TYR A 294 -5.45 -26.66 -8.50
CA TYR A 294 -6.76 -27.15 -8.14
C TYR A 294 -6.64 -28.51 -7.45
N ARG A 295 -5.84 -29.40 -8.02
CA ARG A 295 -5.65 -30.71 -7.42
C ARG A 295 -5.00 -30.63 -6.06
N ALA A 296 -4.04 -29.73 -5.93
CA ALA A 296 -3.32 -29.53 -4.67
C ALA A 296 -4.27 -29.01 -3.61
N LEU A 297 -5.18 -28.12 -4.00
CA LEU A 297 -6.18 -27.62 -3.05
C LEU A 297 -7.06 -28.76 -2.53
N ASP A 298 -7.36 -29.73 -3.37
N ASP A 298 -7.28 -29.76 -3.36
CA ASP A 298 -8.13 -30.89 -2.94
CA ASP A 298 -8.11 -30.91 -3.01
C ASP A 298 -7.35 -31.72 -1.92
C ASP A 298 -7.35 -31.89 -2.08
N LYS A 299 -6.03 -31.82 -2.08
CA LYS A 299 -5.22 -32.61 -1.17
C LYS A 299 -4.91 -31.89 0.13
N LEU A 300 -4.99 -30.58 0.13
CA LEU A 300 -4.57 -29.78 1.27
C LEU A 300 -5.41 -30.14 2.50
N ASP A 301 -4.72 -30.36 3.62
CA ASP A 301 -5.40 -30.64 4.89
C ASP A 301 -5.77 -29.32 5.54
N ILE A 302 -6.93 -28.79 5.16
CA ILE A 302 -7.30 -27.46 5.57
C ILE A 302 -7.49 -27.33 7.08
N PRO A 303 -8.18 -28.27 7.73
CA PRO A 303 -8.28 -28.17 9.20
C PRO A 303 -6.93 -28.15 9.93
N ALA A 304 -5.97 -28.96 9.47
CA ALA A 304 -4.65 -28.95 10.08
C ALA A 304 -3.96 -27.62 9.81
N LEU A 305 -4.04 -27.12 8.58
CA LEU A 305 -3.47 -25.83 8.30
C LEU A 305 -4.05 -24.74 9.19
N GLN A 306 -5.37 -24.74 9.34
CA GLN A 306 -6.02 -23.68 10.11
C GLN A 306 -5.63 -23.78 11.58
N ALA A 307 -5.45 -24.99 12.09
CA ALA A 307 -4.95 -25.17 13.44
C ALA A 307 -3.55 -24.56 13.60
N ALA A 308 -2.68 -24.81 12.63
CA ALA A 308 -1.35 -24.24 12.63
C ALA A 308 -1.44 -22.70 12.60
N GLN A 309 -2.36 -22.17 11.82
CA GLN A 309 -2.56 -20.73 11.69
C GLN A 309 -3.06 -20.09 12.95
N GLU A 310 -3.93 -20.77 13.68
N GLU A 310 -3.92 -20.78 13.69
CA GLU A 310 -4.40 -20.28 14.97
CA GLU A 310 -4.40 -20.25 14.98
C GLU A 310 -3.19 -20.15 15.90
C GLU A 310 -3.24 -20.21 15.99
N ALA A 311 -2.29 -21.14 15.87
CA ALA A 311 -1.07 -21.10 16.70
C ALA A 311 -0.02 -20.19 16.10
N GLN A 312 -0.25 -19.70 14.88
CA GLN A 312 0.71 -18.91 14.12
C GLN A 312 2.04 -19.60 13.99
N ASN A 313 1.97 -20.92 13.81
CA ASN A 313 3.17 -21.75 13.67
C ASN A 313 3.46 -21.92 12.18
N PRO A 314 4.45 -21.19 11.68
CA PRO A 314 4.68 -21.23 10.24
C PRO A 314 5.33 -22.52 9.76
N LEU A 315 6.01 -23.22 10.66
CA LEU A 315 6.68 -24.45 10.31
C LEU A 315 5.64 -25.52 10.03
N GLN A 316 4.71 -25.67 10.97
CA GLN A 316 3.57 -26.58 10.77
C GLN A 316 2.77 -26.18 9.53
N ALA A 317 2.45 -24.90 9.38
CA ALA A 317 1.67 -24.47 8.21
C ALA A 317 2.38 -24.79 6.90
N GLN A 318 3.68 -24.50 6.83
CA GLN A 318 4.44 -24.77 5.60
C GLN A 318 4.59 -26.24 5.33
N ARG A 319 4.75 -27.05 6.37
N ARG A 319 4.77 -27.03 6.39
CA ARG A 319 4.85 -28.50 6.16
CA ARG A 319 4.83 -28.48 6.22
C ARG A 319 3.56 -29.04 5.54
C ARG A 319 3.58 -28.94 5.49
N ILE A 320 2.42 -28.56 6.02
CA ILE A 320 1.12 -28.99 5.50
C ILE A 320 0.93 -28.50 4.05
N VAL A 321 1.30 -27.26 3.79
CA VAL A 321 1.20 -26.70 2.46
C VAL A 321 2.11 -27.42 1.47
N GLN A 322 3.35 -27.67 1.86
CA GLN A 322 4.29 -28.37 0.99
C GLN A 322 3.79 -29.76 0.63
N ASP A 323 3.22 -30.44 1.61
CA ASP A 323 2.72 -31.78 1.38
C ASP A 323 1.68 -31.81 0.26
N ALA A 324 0.86 -30.77 0.21
CA ALA A 324 -0.20 -30.66 -0.84
C ALA A 324 0.36 -30.14 -2.17
N LEU A 325 1.16 -29.10 -2.13
CA LEU A 325 1.65 -28.40 -3.33
C LEU A 325 2.70 -29.23 -4.06
N LEU A 326 3.54 -29.89 -3.27
N LEU A 326 3.56 -29.93 -3.35
CA LEU A 326 4.58 -30.81 -3.74
CA LEU A 326 4.64 -30.68 -4.02
C LEU A 326 3.98 -32.20 -3.73
C LEU A 326 4.23 -32.07 -4.52
N SER A 327 3.01 -32.28 -4.60
N SER A 327 2.95 -32.41 -4.44
CA SER A 327 2.35 -33.46 -4.95
CA SER A 327 2.33 -33.73 -4.68
C SER A 327 2.66 -33.46 -6.43
C SER A 327 2.22 -34.39 -6.11
N SER A 328 2.62 -34.63 -7.01
N SER A 328 3.16 -34.10 -6.98
CA SER A 328 3.04 -34.80 -8.40
CA SER A 328 3.19 -34.63 -8.36
C SER A 328 2.17 -34.10 -9.43
C SER A 328 2.20 -33.95 -9.29
N ILE A 329 2.76 -33.19 -10.21
CA ILE A 329 2.02 -32.50 -11.25
C ILE A 329 1.76 -33.45 -12.42
N THR A 330 2.66 -34.42 -12.62
CA THR A 330 2.58 -35.35 -13.74
C THR A 330 1.57 -36.45 -13.49
N VAL A 331 1.08 -36.57 -12.26
CA VAL A 331 -0.03 -37.46 -11.97
C VAL A 331 -1.27 -36.60 -11.73
N SER A 332 -2.08 -36.45 -12.78
CA SER A 332 -3.32 -35.67 -12.72
C SER A 332 -4.53 -36.58 -12.47
N ALA B 3 15.76 38.56 7.47
CA ALA B 3 14.43 37.90 7.62
C ALA B 3 14.30 37.19 8.98
N THR B 4 13.09 37.25 9.55
CA THR B 4 12.79 36.66 10.86
C THR B 4 11.67 35.63 10.73
N TYR B 5 11.83 34.47 11.40
CA TYR B 5 10.87 33.36 11.31
C TYR B 5 10.37 32.87 12.66
N ASN B 6 9.09 32.53 12.72
N ASN B 6 9.09 32.51 12.71
CA ASN B 6 8.51 31.86 13.88
CA ASN B 6 8.52 31.88 13.88
C ASN B 6 8.51 30.37 13.55
C ASN B 6 8.50 30.39 13.58
N TYR B 7 9.61 29.72 13.90
CA TYR B 7 9.78 28.33 13.55
C TYR B 7 8.81 27.41 14.26
N PRO B 8 8.52 26.26 13.65
CA PRO B 8 7.68 25.29 14.27
C PRO B 8 8.32 24.76 15.53
N GLU B 9 7.53 24.23 16.44
N GLU B 9 7.50 24.15 16.37
CA GLU B 9 8.09 23.51 17.57
CA GLU B 9 7.98 23.40 17.53
C GLU B 9 8.61 22.16 17.06
C GLU B 9 8.62 22.13 17.00
N PHE B 10 9.76 21.75 17.59
CA PHE B 10 10.46 20.52 17.23
C PHE B 10 10.36 19.48 18.36
N GLY B 11 10.31 18.22 17.96
CA GLY B 11 10.31 17.16 18.91
C GLY B 11 11.10 15.99 18.40
N ALA B 12 11.34 15.01 19.28
CA ALA B 12 11.98 13.79 18.86
C ALA B 12 11.47 12.63 19.67
N GLY B 13 11.50 11.46 19.08
CA GLY B 13 11.31 10.25 19.90
C GLY B 13 12.42 10.23 20.91
N LEU B 14 12.10 9.87 22.16
CA LEU B 14 13.13 9.89 23.17
C LEU B 14 14.28 8.97 22.79
N TRP B 15 13.93 7.89 22.10
CA TRP B 15 14.87 6.88 21.62
C TRP B 15 15.90 7.43 20.64
N HIS B 16 15.69 8.63 20.11
CA HIS B 16 16.74 9.34 19.36
C HIS B 16 17.98 9.51 20.19
N PHE B 17 17.85 9.43 21.53
CA PHE B 17 18.98 9.61 22.46
C PHE B 17 19.33 8.35 23.23
N ALA B 18 18.75 7.24 22.84
CA ALA B 18 19.14 5.91 23.37
C ALA B 18 20.28 5.37 22.52
N ASN B 19 21.00 4.41 23.09
CA ASN B 19 21.94 3.58 22.33
C ASN B 19 21.24 2.32 21.97
N TYR B 20 21.54 1.81 20.79
CA TYR B 20 20.77 0.73 20.21
C TYR B 20 21.48 -0.62 20.29
N ILE B 21 20.77 -1.63 19.82
N ILE B 21 20.73 -1.63 19.89
CA ILE B 21 21.29 -2.98 19.77
CA ILE B 21 21.18 -3.02 19.77
C ILE B 21 20.62 -3.62 18.54
C ILE B 21 20.65 -3.53 18.44
N ASP B 22 21.30 -4.56 17.89
CA ASP B 22 20.74 -5.29 16.78
C ASP B 22 21.21 -6.75 16.87
N ARG B 23 20.81 -7.55 15.89
CA ARG B 23 21.06 -8.97 15.96
C ARG B 23 22.52 -9.33 15.80
N TYR B 24 23.33 -8.36 15.40
CA TYR B 24 24.77 -8.59 15.21
C TYR B 24 25.58 -7.99 16.34
N ALA B 25 25.42 -6.68 16.56
CA ALA B 25 26.09 -5.99 17.65
C ALA B 25 25.22 -6.21 18.88
N VAL B 26 25.24 -7.43 19.38
CA VAL B 26 24.40 -7.81 20.49
C VAL B 26 24.83 -7.24 21.82
N ASP B 27 26.04 -6.68 21.86
CA ASP B 27 26.55 -5.98 23.01
C ASP B 27 26.30 -4.46 22.93
N GLY B 28 25.54 -4.05 21.94
CA GLY B 28 25.05 -2.69 21.81
C GLY B 28 25.97 -1.72 21.08
N TYR B 29 25.40 -0.61 20.64
N TYR B 29 25.34 -0.66 20.59
CA TYR B 29 26.16 0.42 19.91
CA TYR B 29 26.01 0.50 19.99
C TYR B 29 26.78 1.48 20.84
C TYR B 29 26.12 1.57 21.07
N GLY B 30 26.78 1.21 22.14
CA GLY B 30 27.11 2.14 23.19
C GLY B 30 26.46 1.62 24.44
N PRO B 31 26.77 2.26 25.58
CA PRO B 31 26.21 1.81 26.85
C PRO B 31 24.71 2.07 26.99
N ALA B 32 24.03 1.27 27.80
CA ALA B 32 22.60 1.45 28.02
C ALA B 32 22.36 2.77 28.76
N LEU B 33 21.42 3.56 28.26
CA LEU B 33 21.11 4.87 28.86
C LEU B 33 19.69 4.81 29.43
N SER B 34 19.53 5.32 30.64
CA SER B 34 18.21 5.29 31.27
C SER B 34 17.28 6.30 30.59
N THR B 35 16.00 6.19 30.88
CA THR B 35 15.03 7.21 30.41
C THR B 35 15.49 8.59 30.79
N ILE B 36 16.00 8.73 32.01
CA ILE B 36 16.44 10.05 32.50
C ILE B 36 17.68 10.54 31.75
N ASP B 37 18.64 9.65 31.50
CA ASP B 37 19.83 9.98 30.72
C ASP B 37 19.43 10.46 29.33
N GLN B 38 18.44 9.79 28.75
CA GLN B 38 17.93 10.15 27.43
C GLN B 38 17.28 11.52 27.40
N ILE B 39 16.53 11.84 28.45
CA ILE B 39 15.92 13.18 28.57
C ILE B 39 17.00 14.25 28.70
N ASN B 40 18.03 13.94 29.49
CA ASN B 40 19.16 14.85 29.69
C ASN B 40 19.94 15.09 28.40
N ALA B 41 20.05 14.06 27.56
CA ALA B 41 20.68 14.20 26.24
C ALA B 41 19.81 15.05 25.33
N ALA B 42 18.49 14.84 25.37
CA ALA B 42 17.57 15.61 24.54
C ALA B 42 17.70 17.09 24.85
N LYS B 43 17.90 17.40 26.11
CA LYS B 43 18.12 18.77 26.56
C LYS B 43 19.31 19.46 25.86
N GLU B 44 20.35 18.65 25.61
N GLU B 44 20.35 18.67 25.60
CA GLU B 44 21.59 19.14 24.98
CA GLU B 44 21.56 19.21 25.01
C GLU B 44 21.36 19.66 23.57
C GLU B 44 21.42 19.59 23.55
N VAL B 45 20.33 19.18 22.90
CA VAL B 45 20.10 19.54 21.51
C VAL B 45 19.93 21.03 21.41
N GLY B 46 19.19 21.60 22.33
N GLY B 46 19.20 21.57 22.36
CA GLY B 46 19.03 23.04 22.40
CA GLY B 46 18.94 23.00 22.46
C GLY B 46 17.88 23.65 21.63
C GLY B 46 17.55 23.38 22.03
N GLU B 47 17.11 22.84 20.91
CA GLU B 47 15.94 23.34 20.27
C GLU B 47 14.73 22.44 20.29
N LEU B 48 14.78 21.35 21.03
CA LEU B 48 13.64 20.50 21.12
C LEU B 48 12.69 21.03 22.18
N SER B 49 11.40 20.85 21.93
CA SER B 49 10.34 21.20 22.87
C SER B 49 9.55 19.99 23.37
N TYR B 50 9.58 18.89 22.61
CA TYR B 50 8.79 17.71 22.91
C TYR B 50 9.58 16.44 22.69
N VAL B 51 9.22 15.43 23.46
CA VAL B 51 9.66 14.07 23.20
C VAL B 51 8.49 13.10 23.30
N ASP B 52 8.65 11.99 22.61
CA ASP B 52 7.72 10.85 22.69
C ASP B 52 8.46 9.84 23.57
N LEU B 53 7.86 9.47 24.70
CA LEU B 53 8.50 8.60 25.71
C LEU B 53 8.00 7.18 25.63
N PRO B 54 8.89 6.20 25.44
CA PRO B 54 8.47 4.81 25.62
C PRO B 54 8.07 4.50 27.06
N TYR B 55 7.14 3.57 27.23
CA TYR B 55 6.63 3.22 28.54
C TYR B 55 6.43 1.70 28.56
N PRO B 56 6.86 1.01 29.63
CA PRO B 56 7.47 1.47 30.85
C PRO B 56 8.81 2.17 30.64
N PHE B 57 9.14 3.02 31.60
CA PHE B 57 10.43 3.67 31.60
C PHE B 57 11.48 2.61 31.91
N THR B 58 12.76 2.97 31.77
CA THR B 58 13.83 1.99 32.04
C THR B 58 13.81 1.62 33.53
N PRO B 59 14.41 0.48 33.90
CA PRO B 59 14.24 0.00 35.27
C PRO B 59 14.61 0.98 36.37
N GLY B 60 13.74 1.07 37.37
CA GLY B 60 13.96 1.93 38.50
C GLY B 60 13.49 3.35 38.31
N VAL B 61 13.21 3.76 37.07
CA VAL B 61 12.82 5.14 36.82
C VAL B 61 11.34 5.30 37.09
N THR B 62 11.00 6.31 37.88
CA THR B 62 9.61 6.58 38.24
C THR B 62 9.01 7.74 37.46
N LEU B 63 7.68 7.78 37.46
CA LEU B 63 6.96 8.84 36.76
C LEU B 63 7.36 10.22 37.32
N SER B 64 7.49 10.33 38.64
N SER B 64 7.48 10.32 38.63
CA SER B 64 7.90 11.58 39.26
CA SER B 64 7.90 11.55 39.27
C SER B 64 9.29 12.05 38.80
C SER B 64 9.24 12.01 38.71
N GLU B 65 10.21 11.09 38.65
CA GLU B 65 11.55 11.40 38.16
C GLU B 65 11.48 11.87 36.70
N VAL B 66 10.62 11.24 35.92
CA VAL B 66 10.46 11.62 34.55
C VAL B 66 9.89 13.06 34.44
N LYS B 67 8.84 13.36 35.22
CA LYS B 67 8.29 14.73 35.26
C LYS B 67 9.35 15.76 35.58
N ASP B 68 10.19 15.47 36.56
CA ASP B 68 11.22 16.41 36.98
C ASP B 68 12.25 16.59 35.90
N ALA B 69 12.68 15.48 35.27
CA ALA B 69 13.68 15.55 34.21
C ALA B 69 13.17 16.30 32.99
N LEU B 70 11.92 16.04 32.61
CA LEU B 70 11.30 16.76 31.48
C LEU B 70 11.24 18.26 31.76
N LYS B 71 10.80 18.62 32.95
CA LYS B 71 10.70 20.01 33.33
C LYS B 71 12.04 20.69 33.26
N ASP B 72 13.05 20.07 33.85
CA ASP B 72 14.39 20.62 33.85
C ASP B 72 15.04 20.68 32.48
N ALA B 73 14.60 19.80 31.57
CA ALA B 73 15.12 19.74 30.21
C ALA B 73 14.40 20.67 29.25
N GLY B 74 13.33 21.33 29.71
CA GLY B 74 12.55 22.16 28.78
C GLY B 74 11.76 21.38 27.78
N LEU B 75 11.29 20.21 28.19
CA LEU B 75 10.57 19.30 27.29
C LEU B 75 9.20 18.93 27.84
N LYS B 76 8.26 18.70 26.92
CA LYS B 76 6.95 18.14 27.24
C LYS B 76 6.81 16.83 26.51
N ALA B 77 5.96 15.97 27.02
CA ALA B 77 5.64 14.72 26.36
C ALA B 77 4.59 14.97 25.27
N ILE B 78 4.91 14.67 24.02
N ILE B 78 4.93 14.68 24.03
CA ILE B 78 3.91 14.77 22.95
CA ILE B 78 3.98 14.76 22.93
C ILE B 78 3.18 13.43 22.80
C ILE B 78 3.18 13.45 22.88
N GLY B 79 3.87 12.33 23.07
CA GLY B 79 3.26 11.02 23.01
C GLY B 79 3.90 10.09 24.02
N ILE B 80 3.20 9.01 24.30
CA ILE B 80 3.71 7.91 25.09
C ILE B 80 3.59 6.67 24.23
N THR B 81 4.69 5.94 24.09
CA THR B 81 4.74 4.75 23.27
C THR B 81 4.83 3.47 24.11
N PRO B 82 3.71 2.77 24.31
CA PRO B 82 3.83 1.52 25.09
C PRO B 82 4.71 0.52 24.36
N GLU B 83 5.61 -0.14 25.11
CA GLU B 83 6.58 -1.06 24.53
C GLU B 83 5.99 -2.43 24.34
N ILE B 84 5.09 -2.49 23.38
CA ILE B 84 4.32 -3.70 23.07
C ILE B 84 5.02 -4.61 22.08
N TYR B 85 6.33 -4.46 21.96
CA TYR B 85 7.18 -5.19 20.99
C TYR B 85 8.39 -5.85 21.65
N LEU B 86 8.40 -5.86 22.99
CA LEU B 86 9.44 -6.53 23.77
C LEU B 86 9.19 -8.03 23.78
N GLN B 87 10.09 -8.77 24.42
CA GLN B 87 10.07 -10.22 24.39
C GLN B 87 8.73 -10.81 24.72
N LYS B 88 8.06 -10.27 25.74
CA LYS B 88 6.75 -10.80 26.14
C LYS B 88 5.79 -10.88 24.94
N TRP B 89 5.91 -9.90 24.05
CA TRP B 89 5.06 -9.78 22.87
C TRP B 89 5.83 -9.96 21.59
N SER B 90 6.86 -10.79 21.64
CA SER B 90 7.65 -11.03 20.44
C SER B 90 6.89 -11.78 19.36
N ARG B 91 5.79 -12.43 19.73
CA ARG B 91 4.91 -13.08 18.77
C ARG B 91 3.60 -12.30 18.55
N GLY B 92 3.56 -11.06 19.02
CA GLY B 92 2.45 -10.15 18.80
C GLY B 92 1.95 -9.56 20.10
N ALA B 93 1.31 -8.40 19.98
CA ALA B 93 0.63 -7.73 21.09
C ALA B 93 -0.89 -7.95 20.88
N PHE B 94 -1.49 -7.15 20.02
CA PHE B 94 -2.90 -7.33 19.68
C PHE B 94 -3.16 -8.68 19.02
N THR B 95 -2.16 -9.18 18.28
CA THR B 95 -2.32 -10.37 17.47
C THR B 95 -1.57 -11.57 18.01
N ASN B 96 -1.10 -11.53 19.25
CA ASN B 96 -0.44 -12.70 19.81
C ASN B 96 -1.37 -13.91 19.73
N PRO B 97 -0.87 -15.08 19.38
CA PRO B 97 -1.73 -16.27 19.44
C PRO B 97 -2.22 -16.64 20.83
N ASP B 98 -1.53 -16.21 21.89
CA ASP B 98 -1.90 -16.52 23.26
C ASP B 98 -2.85 -15.41 23.73
N PRO B 99 -4.10 -15.74 24.05
CA PRO B 99 -5.03 -14.70 24.53
C PRO B 99 -4.56 -13.97 25.78
N ALA B 100 -3.77 -14.62 26.64
CA ALA B 100 -3.29 -13.98 27.87
C ALA B 100 -2.30 -12.88 27.51
N ALA B 101 -1.49 -13.11 26.48
CA ALA B 101 -0.54 -12.10 25.99
C ALA B 101 -1.27 -10.91 25.43
N ARG B 102 -2.36 -11.16 24.70
CA ARG B 102 -3.19 -10.08 24.17
C ARG B 102 -3.75 -9.23 25.30
N ALA B 103 -4.23 -9.91 26.33
CA ALA B 103 -4.78 -9.24 27.51
C ALA B 103 -3.74 -8.40 28.21
N ALA B 104 -2.54 -8.96 28.37
CA ALA B 104 -1.43 -8.26 29.00
C ALA B 104 -1.04 -7.01 28.17
N ALA B 105 -1.04 -7.13 26.85
CA ALA B 105 -0.76 -5.98 26.01
C ALA B 105 -1.80 -4.90 26.22
N PHE B 106 -3.08 -5.28 26.27
CA PHE B 106 -4.14 -4.33 26.57
C PHE B 106 -3.87 -3.61 27.88
N GLU B 107 -3.54 -4.36 28.92
CA GLU B 107 -3.28 -3.73 30.22
C GLU B 107 -2.16 -2.69 30.17
N LEU B 108 -1.07 -3.01 29.47
CA LEU B 108 0.01 -2.03 29.33
C LEU B 108 -0.43 -0.80 28.58
N MSE B 109 -1.15 -1.00 27.47
CA MSE B 109 -1.58 0.13 26.64
C MSE B 109 -2.59 0.98 27.38
O MSE B 109 -2.56 2.21 27.32
CB MSE B 109 -2.10 -0.41 25.31
CG MSE B 109 -0.97 -1.03 24.51
SE MSE B 109 -1.55 -1.62 22.74
CE MSE B 109 -2.62 -3.05 23.25
N HIS B 110 -3.46 0.32 28.14
CA HIS B 110 -4.43 1.03 28.96
C HIS B 110 -3.70 1.86 30.02
N GLU B 111 -2.67 1.27 30.62
CA GLU B 111 -1.87 1.99 31.62
C GLU B 111 -1.18 3.18 30.96
N SER B 112 -0.68 3.00 29.74
N SER B 112 -0.68 3.00 29.74
CA SER B 112 0.01 4.10 29.02
CA SER B 112 -0.01 4.09 29.01
C SER B 112 -0.92 5.28 28.73
C SER B 112 -0.92 5.28 28.75
N ALA B 113 -2.21 5.00 28.54
CA ALA B 113 -3.21 6.06 28.39
C ALA B 113 -3.28 6.92 29.66
N GLY B 114 -3.17 6.26 30.79
CA GLY B 114 -3.03 6.95 32.07
C GLY B 114 -1.81 7.85 32.15
N ILE B 115 -0.70 7.37 31.63
CA ILE B 115 0.55 8.15 31.59
C ILE B 115 0.34 9.37 30.70
N VAL B 116 -0.31 9.18 29.55
CA VAL B 116 -0.68 10.33 28.70
C VAL B 116 -1.49 11.37 29.48
N ARG B 117 -2.46 10.92 30.28
CA ARG B 117 -3.25 11.86 31.07
C ARG B 117 -2.37 12.60 32.04
N GLU B 118 -1.52 11.85 32.74
CA GLU B 118 -0.64 12.43 33.77
C GLU B 118 0.33 13.45 33.21
N LEU B 119 0.86 13.20 32.02
CA LEU B 119 1.88 14.07 31.41
C LEU B 119 1.32 15.07 30.39
N GLY B 120 0.00 15.09 30.23
CA GLY B 120 -0.64 16.00 29.28
C GLY B 120 -0.23 15.79 27.86
N ALA B 121 0.08 14.55 27.47
CA ALA B 121 0.55 14.27 26.13
C ALA B 121 -0.60 14.27 25.12
N ASN B 122 -0.28 14.38 23.84
CA ASN B 122 -1.32 14.41 22.84
C ASN B 122 -1.96 13.05 22.59
N TYR B 123 -1.16 11.98 22.64
CA TYR B 123 -1.66 10.67 22.23
C TYR B 123 -0.86 9.53 22.80
N VAL B 124 -1.52 8.39 22.90
CA VAL B 124 -0.81 7.13 23.01
C VAL B 124 -0.36 6.78 21.60
N LYS B 125 0.94 6.56 21.43
CA LYS B 125 1.49 6.26 20.12
C LYS B 125 1.56 4.74 20.01
N VAL B 126 0.73 4.18 19.14
CA VAL B 126 0.58 2.72 19.02
C VAL B 126 1.35 2.18 17.84
N TRP B 127 2.41 1.43 18.12
CA TRP B 127 3.21 0.81 17.05
C TRP B 127 3.37 -0.65 17.36
N PRO B 128 2.50 -1.49 16.76
CA PRO B 128 2.49 -2.91 17.14
C PRO B 128 3.44 -3.69 16.28
N GLY B 129 4.71 -3.41 16.48
CA GLY B 129 5.72 -3.93 15.62
C GLY B 129 5.86 -5.41 15.46
N GLN B 130 5.46 -6.15 16.49
CA GLN B 130 5.51 -7.60 16.42
C GLN B 130 4.23 -8.22 15.84
N ASP B 131 3.27 -7.40 15.43
CA ASP B 131 1.97 -7.91 14.95
C ASP B 131 2.00 -8.05 13.45
N GLY B 132 1.87 -9.27 12.94
CA GLY B 132 1.92 -9.50 11.51
C GLY B 132 2.28 -10.93 11.24
N TRP B 133 3.13 -11.15 10.23
CA TRP B 133 3.51 -12.49 9.82
C TRP B 133 4.89 -12.48 9.25
N ASP B 134 5.50 -13.64 9.24
CA ASP B 134 6.83 -13.86 8.68
C ASP B 134 6.81 -14.76 7.44
N TYR B 135 5.86 -15.66 7.33
CA TYR B 135 5.79 -16.58 6.21
C TYR B 135 4.45 -16.58 5.55
N PRO B 136 4.41 -16.82 4.22
CA PRO B 136 3.17 -17.17 3.60
C PRO B 136 2.54 -18.34 4.33
N PHE B 137 1.21 -18.31 4.47
CA PHE B 137 0.40 -19.36 5.11
C PHE B 137 0.51 -19.40 6.64
N GLN B 138 1.31 -18.53 7.25
CA GLN B 138 1.48 -18.59 8.67
C GLN B 138 0.23 -18.21 9.44
N VAL B 139 -0.57 -17.34 8.86
CA VAL B 139 -1.76 -16.75 9.52
C VAL B 139 -3.00 -16.88 8.69
N SER B 140 -4.13 -16.89 9.39
CA SER B 140 -5.41 -16.62 8.75
C SER B 140 -5.43 -15.09 8.58
N HIS B 141 -5.41 -14.62 7.36
CA HIS B 141 -5.41 -13.19 7.14
C HIS B 141 -6.69 -12.54 7.67
N LYS B 142 -7.80 -13.24 7.50
CA LYS B 142 -9.05 -12.75 8.05
C LYS B 142 -8.95 -12.61 9.57
N ASN B 143 -8.51 -13.66 10.25
CA ASN B 143 -8.51 -13.63 11.70
C ASN B 143 -7.45 -12.72 12.27
N LEU B 144 -6.30 -12.62 11.61
CA LEU B 144 -5.24 -11.73 12.08
C LEU B 144 -5.69 -10.28 12.07
N TRP B 145 -6.29 -9.87 10.96
CA TRP B 145 -6.75 -8.50 10.83
C TRP B 145 -7.91 -8.22 11.76
N LYS B 146 -8.76 -9.22 12.01
CA LYS B 146 -9.85 -9.05 12.96
C LYS B 146 -9.32 -8.81 14.37
N LEU B 147 -8.29 -9.56 14.78
CA LEU B 147 -7.66 -9.32 16.08
C LEU B 147 -7.08 -7.92 16.14
N ALA B 148 -6.40 -7.52 15.08
CA ALA B 148 -5.80 -6.18 15.04
C ALA B 148 -6.85 -5.08 15.19
N VAL B 149 -7.93 -5.17 14.42
CA VAL B 149 -8.96 -4.13 14.47
C VAL B 149 -9.75 -4.20 15.78
N ASP B 150 -10.21 -5.41 16.18
CA ASP B 150 -11.04 -5.50 17.38
C ASP B 150 -10.24 -5.12 18.63
N GLY B 151 -8.97 -5.50 18.66
CA GLY B 151 -8.14 -5.15 19.81
C GLY B 151 -7.90 -3.65 19.90
N MSE B 152 -7.70 -3.02 18.76
CA MSE B 152 -7.54 -1.57 18.76
C MSE B 152 -8.84 -0.87 19.22
O MSE B 152 -8.82 0.09 19.99
CB MSE B 152 -7.12 -1.08 17.39
CG MSE B 152 -6.78 0.38 17.36
SE MSE B 152 -5.08 0.83 18.26
CE MSE B 152 -3.91 -0.01 16.94
N ARG B 153 -9.98 -1.39 18.78
CA ARG B 153 -11.26 -0.85 19.21
C ARG B 153 -11.44 -0.99 20.72
N ASP B 154 -11.04 -2.14 21.28
CA ASP B 154 -11.18 -2.37 22.70
C ASP B 154 -10.35 -1.35 23.49
N LEU B 155 -9.12 -1.13 23.02
CA LEU B 155 -8.23 -0.16 23.68
C LEU B 155 -8.77 1.27 23.63
N ALA B 156 -9.11 1.73 22.44
CA ALA B 156 -9.58 3.10 22.27
C ALA B 156 -10.95 3.32 22.90
N GLY B 157 -11.82 2.33 22.79
CA GLY B 157 -13.16 2.40 23.40
C GLY B 157 -13.15 2.52 24.92
N ALA B 158 -12.12 1.93 25.56
CA ALA B 158 -11.96 2.01 27.02
C ALA B 158 -11.41 3.36 27.47
N ASN B 159 -10.97 4.17 26.53
CA ASN B 159 -10.28 5.43 26.84
C ASN B 159 -10.73 6.53 25.88
N PRO B 160 -12.03 6.86 25.89
CA PRO B 160 -12.54 7.80 24.89
C PRO B 160 -11.99 9.22 24.96
N ASP B 161 -11.41 9.58 26.10
CA ASP B 161 -10.85 10.90 26.29
C ASP B 161 -9.41 11.04 25.83
N VAL B 162 -8.80 9.94 25.37
CA VAL B 162 -7.41 9.92 24.95
C VAL B 162 -7.32 9.53 23.46
N LYS B 163 -6.42 10.19 22.73
CA LYS B 163 -6.17 9.87 21.35
C LYS B 163 -5.15 8.75 21.22
N PHE B 164 -5.39 7.86 20.26
CA PHE B 164 -4.49 6.78 19.92
C PHE B 164 -4.05 6.99 18.49
N ALA B 165 -2.75 7.22 18.30
CA ALA B 165 -2.17 7.42 16.99
C ALA B 165 -1.47 6.16 16.57
N ILE B 166 -1.99 5.54 15.51
CA ILE B 166 -1.44 4.30 14.97
C ILE B 166 -0.32 4.62 14.01
N GLU B 167 0.88 4.14 14.31
CA GLU B 167 2.02 4.36 13.45
C GLU B 167 2.16 3.21 12.49
N TYR B 168 1.65 3.39 11.27
CA TYR B 168 1.75 2.31 10.31
C TYR B 168 3.19 2.16 9.85
N LYS B 169 3.52 0.97 9.38
CA LYS B 169 4.86 0.68 8.94
C LYS B 169 4.79 -0.56 8.07
N PRO B 170 5.52 -0.58 6.93
CA PRO B 170 5.45 -1.79 6.10
C PRO B 170 5.78 -3.10 6.83
N ARG B 171 6.84 -3.09 7.61
CA ARG B 171 7.38 -4.32 8.18
C ARG B 171 8.47 -3.93 9.18
N GLU B 172 9.13 -4.94 9.76
CA GLU B 172 10.26 -4.82 10.69
C GLU B 172 9.71 -4.51 12.06
N PRO B 173 9.89 -5.44 13.01
CA PRO B 173 10.61 -6.71 12.95
C PRO B 173 9.93 -7.90 12.24
N ARG B 174 8.65 -7.82 11.95
CA ARG B 174 8.00 -8.88 11.18
C ARG B 174 8.32 -8.70 9.70
N VAL B 175 8.12 -9.77 8.92
CA VAL B 175 8.26 -9.62 7.47
C VAL B 175 7.16 -8.74 6.91
N LYS B 176 6.00 -8.77 7.55
CA LYS B 176 4.93 -7.84 7.22
C LYS B 176 4.18 -7.47 8.49
N MSE B 177 3.92 -6.19 8.72
CA MSE B 177 3.16 -5.74 9.87
C MSE B 177 1.69 -5.57 9.48
O MSE B 177 1.37 -5.30 8.34
CB MSE B 177 3.70 -4.40 10.41
CG MSE B 177 3.33 -4.13 11.90
SE MSE B 177 4.17 -2.50 12.54
CE MSE B 177 2.78 -1.38 12.07
N THR B 178 0.80 -5.71 10.46
CA THR B 178 -0.64 -5.57 10.24
C THR B 178 -1.01 -4.20 9.69
N TRP B 179 -0.63 -3.17 10.42
CA TRP B 179 -0.95 -1.81 10.01
C TRP B 179 0.13 -1.31 9.08
N ASP B 180 0.04 -1.69 7.81
CA ASP B 180 1.22 -1.58 6.95
C ASP B 180 1.29 -0.38 6.03
N SER B 181 0.19 0.37 5.89
CA SER B 181 0.15 1.48 4.98
C SER B 181 -0.86 2.49 5.40
N ALA B 182 -0.78 3.70 4.83
CA ALA B 182 -1.74 4.72 5.12
C ALA B 182 -3.14 4.27 4.78
N ALA B 183 -3.32 3.70 3.58
CA ALA B 183 -4.66 3.35 3.14
C ALA B 183 -5.26 2.24 4.01
N ARG B 184 -4.48 1.20 4.33
N ARG B 184 -4.44 1.22 4.31
CA ARG B 184 -5.01 0.14 5.17
CA ARG B 184 -4.86 0.11 5.17
C ARG B 184 -5.34 0.69 6.56
C ARG B 184 -5.24 0.59 6.56
N THR B 185 -4.49 1.56 7.08
CA THR B 185 -4.76 2.15 8.36
C THR B 185 -6.08 2.93 8.38
N LEU B 186 -6.33 3.71 7.34
CA LEU B 186 -7.58 4.44 7.25
C LEU B 186 -8.78 3.48 7.14
N LEU B 187 -8.62 2.38 6.41
CA LEU B 187 -9.66 1.36 6.35
C LEU B 187 -9.95 0.76 7.72
N GLY B 188 -8.88 0.43 8.44
CA GLY B 188 -9.02 -0.07 9.79
C GLY B 188 -9.67 0.90 10.75
N ILE B 189 -9.31 2.18 10.64
CA ILE B 189 -9.94 3.25 11.43
C ILE B 189 -11.45 3.35 11.14
N GLU B 190 -11.85 3.20 9.90
N GLU B 190 -11.82 3.22 9.87
CA GLU B 190 -13.25 3.23 9.56
CA GLU B 190 -13.22 3.17 9.44
C GLU B 190 -13.95 2.01 10.19
C GLU B 190 -13.91 2.03 10.19
N ASP B 191 -13.31 0.85 10.13
CA ASP B 191 -13.89 -0.33 10.75
C ASP B 191 -13.99 -0.19 12.26
N ILE B 192 -12.99 0.37 12.90
CA ILE B 192 -13.01 0.55 14.36
C ILE B 192 -14.17 1.45 14.76
N GLY B 193 -14.39 2.52 14.00
CA GLY B 193 -15.56 3.37 14.17
C GLY B 193 -15.52 4.34 15.33
N LEU B 194 -14.32 4.71 15.79
CA LEU B 194 -14.17 5.61 16.92
C LEU B 194 -13.42 6.88 16.55
N ASP B 195 -13.86 7.98 17.14
CA ASP B 195 -13.30 9.29 16.85
C ASP B 195 -11.89 9.50 17.39
N ASN B 196 -11.50 8.73 18.40
CA ASN B 196 -10.20 8.94 19.07
C ASN B 196 -9.06 8.10 18.54
N VAL B 197 -9.23 7.48 17.38
CA VAL B 197 -8.17 6.71 16.74
C VAL B 197 -7.74 7.43 15.45
N GLY B 198 -6.44 7.66 15.32
CA GLY B 198 -5.89 8.37 14.17
C GLY B 198 -4.56 7.77 13.80
N VAL B 199 -3.77 8.56 13.08
CA VAL B 199 -2.55 8.09 12.47
C VAL B 199 -1.35 8.91 12.89
N LEU B 200 -0.24 8.23 13.13
CA LEU B 200 1.09 8.83 13.26
C LEU B 200 1.76 8.49 11.94
N LEU B 201 1.89 9.51 11.09
N LEU B 201 1.91 9.52 11.10
CA LEU B 201 2.48 9.33 9.79
CA LEU B 201 2.49 9.39 9.76
C LEU B 201 3.98 9.58 9.86
C LEU B 201 4.00 9.60 9.78
N ASP B 202 4.73 8.50 9.66
CA ASP B 202 6.19 8.54 9.63
C ASP B 202 6.57 8.63 8.15
N PHE B 203 7.16 9.77 7.79
CA PHE B 203 7.57 10.04 6.40
C PHE B 203 8.39 8.89 5.81
N GLY B 204 9.31 8.38 6.61
CA GLY B 204 10.21 7.34 6.14
C GLY B 204 9.49 6.04 5.91
N HIS B 205 8.54 5.71 6.79
CA HIS B 205 7.72 4.51 6.57
C HIS B 205 6.93 4.62 5.29
N ALA B 206 6.30 5.77 5.07
CA ALA B 206 5.60 5.99 3.81
C ALA B 206 6.54 5.83 2.61
N LEU B 207 7.72 6.42 2.69
CA LEU B 207 8.66 6.42 1.59
C LEU B 207 9.10 5.01 1.22
N TYR B 208 9.54 4.21 2.19
CA TYR B 208 10.04 2.88 1.82
C TYR B 208 8.89 1.89 1.58
N GLY B 209 7.70 2.28 2.03
CA GLY B 209 6.50 1.56 1.68
C GLY B 209 6.02 1.80 0.24
N GLY B 210 6.64 2.70 -0.50
CA GLY B 210 6.31 2.93 -1.90
C GLY B 210 5.24 3.99 -2.06
N GLU B 211 4.85 4.63 -0.95
CA GLU B 211 3.83 5.68 -1.01
C GLU B 211 4.48 7.00 -1.43
N SER B 212 3.67 7.94 -1.85
CA SER B 212 4.06 9.37 -1.90
C SER B 212 3.73 9.89 -0.50
N PRO B 213 4.74 10.21 0.33
CA PRO B 213 4.39 10.69 1.67
C PRO B 213 3.45 11.89 1.66
N ALA B 214 3.66 12.80 0.71
CA ALA B 214 2.78 13.94 0.54
C ALA B 214 1.33 13.49 0.32
N ASP B 215 1.14 12.53 -0.60
CA ASP B 215 -0.20 12.06 -0.85
C ASP B 215 -0.78 11.39 0.41
N SER B 216 0.02 10.62 1.14
CA SER B 216 -0.49 9.98 2.33
C SER B 216 -0.92 10.99 3.35
N ALA B 217 -0.14 12.06 3.47
CA ALA B 217 -0.54 13.16 4.39
C ALA B 217 -1.90 13.70 3.99
N GLN B 218 -2.08 13.96 2.70
CA GLN B 218 -3.32 14.52 2.22
C GLN B 218 -4.51 13.58 2.48
N LEU B 219 -4.32 12.29 2.17
CA LEU B 219 -5.34 11.30 2.33
C LEU B 219 -5.80 11.21 3.79
N ILE B 220 -4.82 11.25 4.71
CA ILE B 220 -5.12 11.11 6.13
C ILE B 220 -5.79 12.36 6.67
N ILE B 221 -5.28 13.53 6.24
CA ILE B 221 -5.82 14.83 6.62
C ILE B 221 -7.27 14.96 6.13
N ASP B 222 -7.53 14.42 4.94
CA ASP B 222 -8.88 14.46 4.37
C ASP B 222 -9.94 13.72 5.21
N ARG B 223 -9.48 12.79 6.05
N ARG B 223 -9.51 12.79 6.05
CA ARG B 223 -10.33 12.05 6.97
CA ARG B 223 -10.43 12.11 6.96
C ARG B 223 -10.25 12.57 8.40
C ARG B 223 -10.28 12.58 8.41
N GLY B 224 -9.50 13.64 8.62
CA GLY B 224 -9.31 14.22 9.94
C GLY B 224 -8.53 13.33 10.88
N ARG B 225 -7.64 12.50 10.37
CA ARG B 225 -6.98 11.49 11.20
C ARG B 225 -5.47 11.66 11.35
N LEU B 226 -4.92 12.81 10.97
CA LEU B 226 -3.47 13.03 11.11
C LEU B 226 -3.18 13.56 12.51
N PHE B 227 -2.88 12.66 13.42
CA PHE B 227 -2.64 13.01 14.82
C PHE B 227 -1.21 13.46 15.08
N GLY B 228 -0.26 12.99 14.28
CA GLY B 228 1.13 13.43 14.43
C GLY B 228 1.93 12.96 13.26
N MSE B 229 3.18 13.42 13.17
CA MSE B 229 4.14 13.10 12.09
C MSE B 229 5.42 12.65 12.74
O MSE B 229 5.69 13.02 13.88
CB MSE B 229 4.55 14.36 11.24
CG MSE B 229 6.09 15.11 11.52
SE MSE B 229 6.35 16.25 10.89
CE MSE B 229 4.96 17.47 11.42
N ASP B 230 6.22 11.89 11.99
CA ASP B 230 7.62 11.55 12.33
C ASP B 230 8.36 11.82 11.00
N VAL B 231 9.58 12.34 11.07
CA VAL B 231 10.43 12.47 9.89
C VAL B 231 11.82 11.89 10.13
N ASN B 232 12.48 11.59 9.03
CA ASN B 232 13.76 10.90 8.93
C ASN B 232 13.99 10.72 7.42
N ASP B 233 15.05 10.04 7.04
CA ASP B 233 15.26 9.72 5.64
C ASP B 233 15.70 8.27 5.54
N ASN B 234 15.64 7.78 4.31
CA ASN B 234 16.12 6.43 4.01
C ASN B 234 16.39 6.30 2.52
N LEU B 235 16.90 5.14 2.12
CA LEU B 235 17.16 4.85 0.70
C LEU B 235 16.02 4.10 -0.02
N ARG B 236 14.83 4.19 0.57
N ARG B 236 14.80 4.22 0.51
CA ARG B 236 13.59 3.72 0.00
CA ARG B 236 13.56 3.68 -0.06
C ARG B 236 13.40 2.21 -0.05
C ARG B 236 13.31 2.20 0.09
N GLY B 237 14.30 1.45 0.61
CA GLY B 237 14.17 0.00 0.73
C GLY B 237 13.97 -0.57 2.11
N TRP B 238 14.07 0.30 3.12
CA TRP B 238 14.08 -0.12 4.51
C TRP B 238 13.92 1.12 5.38
N ASP B 239 13.50 0.90 6.62
CA ASP B 239 13.35 1.97 7.59
C ASP B 239 14.73 2.37 8.13
N ASP B 240 15.52 3.03 7.31
CA ASP B 240 16.90 3.32 7.66
C ASP B 240 17.05 4.32 8.79
N ASP B 241 16.04 5.16 8.94
CA ASP B 241 15.98 6.09 10.07
C ASP B 241 17.20 7.03 10.12
N LEU B 242 17.61 7.50 8.94
CA LEU B 242 18.70 8.43 8.81
C LEU B 242 18.21 9.84 9.11
N VAL B 243 19.17 10.73 9.34
CA VAL B 243 18.92 12.16 9.49
C VAL B 243 18.12 12.70 8.29
N VAL B 244 17.07 13.46 8.59
CA VAL B 244 16.18 14.02 7.58
C VAL B 244 16.94 14.92 6.64
N GLY B 245 16.63 14.83 5.35
CA GLY B 245 17.23 15.73 4.35
C GLY B 245 18.56 15.31 3.79
N THR B 246 19.01 14.13 4.14
CA THR B 246 20.31 13.68 3.66
C THR B 246 20.27 12.91 2.34
N VAL B 247 19.07 12.50 1.92
CA VAL B 247 18.92 11.73 0.69
C VAL B 247 17.79 12.26 -0.20
N HIS B 248 16.63 12.58 0.38
CA HIS B 248 15.41 12.92 -0.34
C HIS B 248 14.86 14.29 0.01
N MSE B 249 15.64 15.31 -0.24
N MSE B 249 15.64 15.33 -0.24
CA MSE B 249 15.23 16.66 0.09
CA MSE B 249 15.19 16.68 0.10
C MSE B 249 13.93 17.09 -0.61
C MSE B 249 13.92 17.12 -0.62
O MSE B 249 13.07 17.71 0.01
O MSE B 249 13.07 17.78 -0.02
CB MSE B 249 16.35 17.63 -0.21
CB MSE B 249 16.29 17.72 -0.13
CG MSE B 249 17.61 17.33 0.62
CG MSE B 249 17.47 17.54 0.79
SE MSE B 249 18.97 18.68 0.40
SE MSE B 249 18.92 16.62 -0.09
CE MSE B 249 18.25 19.32 -1.03
CE MSE B 249 19.47 18.27 -1.26
N THR B 250 13.78 16.75 -1.89
CA THR B 250 12.61 17.15 -2.65
C THR B 250 11.32 16.59 -2.07
N GLU B 251 11.32 15.30 -1.82
CA GLU B 251 10.12 14.67 -1.28
C GLU B 251 9.79 15.04 0.16
N ILE B 252 10.80 15.29 0.99
N ILE B 252 10.83 15.29 0.97
CA ILE B 252 10.49 15.79 2.34
CA ILE B 252 10.63 15.81 2.32
C ILE B 252 9.93 17.22 2.25
C ILE B 252 10.01 17.20 2.27
N PHE B 253 10.45 18.02 1.33
CA PHE B 253 9.89 19.36 1.11
C PHE B 253 8.43 19.24 0.68
N GLU B 254 8.12 18.29 -0.20
CA GLU B 254 6.71 18.07 -0.63
C GLU B 254 5.78 17.70 0.54
N PHE B 255 6.30 16.87 1.45
CA PHE B 255 5.58 16.47 2.62
C PHE B 255 5.20 17.67 3.45
N PHE B 256 6.18 18.51 3.77
CA PHE B 256 5.88 19.70 4.54
C PHE B 256 4.99 20.69 3.80
N TYR B 257 5.14 20.74 2.46
CA TYR B 257 4.30 21.59 1.62
C TYR B 257 2.82 21.17 1.77
N VAL B 258 2.55 19.87 1.75
CA VAL B 258 1.18 19.41 1.91
C VAL B 258 0.65 19.79 3.30
N LEU B 259 1.47 19.59 4.33
CA LEU B 259 1.04 20.00 5.65
C LEU B 259 0.68 21.48 5.69
N LYS B 260 1.52 22.30 5.07
CA LYS B 260 1.29 23.76 5.02
C LYS B 260 -0.03 24.13 4.34
N ILE B 261 -0.27 23.63 3.13
CA ILE B 261 -1.47 24.03 2.38
C ILE B 261 -2.76 23.54 3.02
N ASN B 262 -2.67 22.53 3.88
CA ASN B 262 -3.82 22.07 4.67
C ASN B 262 -3.93 22.74 6.03
N ASN B 263 -2.99 23.64 6.34
N ASN B 263 -2.99 23.64 6.34
CA ASN B 263 -2.92 24.33 7.62
CA ASN B 263 -2.95 24.36 7.62
C ASN B 263 -2.88 23.31 8.76
C ASN B 263 -2.77 23.40 8.81
N TRP B 264 -2.11 22.25 8.57
CA TRP B 264 -1.92 21.26 9.61
C TRP B 264 -0.77 21.78 10.45
N GLN B 265 -1.14 22.03 11.71
N GLN B 265 -0.94 21.99 11.76
CA GLN B 265 -0.29 22.62 12.70
CA GLN B 265 0.11 22.70 12.55
C GLN B 265 -0.06 21.47 13.66
C GLN B 265 0.76 21.95 13.74
N GLY B 266 1.21 21.30 14.02
N GLY B 266 1.41 20.82 13.49
CA GLY B 266 1.63 20.15 14.83
CA GLY B 266 1.83 19.97 14.60
C GLY B 266 3.15 20.09 14.86
C GLY B 266 3.24 20.27 14.99
N VAL B 267 3.70 19.44 15.90
CA VAL B 267 5.12 19.42 16.20
C VAL B 267 5.84 18.72 15.06
N TRP B 268 6.97 19.30 14.65
CA TRP B 268 7.82 18.69 13.64
C TRP B 268 8.71 17.72 14.42
N GLN B 269 8.43 16.44 14.28
N GLN B 269 8.38 16.44 14.36
CA GLN B 269 8.96 15.38 15.15
CA GLN B 269 9.04 15.45 15.17
C GLN B 269 9.95 14.46 14.44
C GLN B 269 10.04 14.63 14.36
N LEU B 270 11.14 14.30 15.03
CA LEU B 270 12.16 13.42 14.48
C LEU B 270 12.01 12.01 15.01
N ASP B 271 12.07 11.02 14.13
CA ASP B 271 12.17 9.63 14.55
C ASP B 271 13.36 9.07 13.79
N GLN B 272 14.52 9.11 14.43
CA GLN B 272 15.79 8.80 13.82
C GLN B 272 16.59 7.98 14.79
N PHE B 273 17.45 7.12 14.23
CA PHE B 273 18.30 6.21 14.99
C PHE B 273 19.75 6.44 14.56
N PRO B 274 20.48 7.37 15.19
CA PRO B 274 21.87 7.66 14.84
C PRO B 274 22.80 6.63 15.46
N PHE B 275 22.72 5.41 14.97
CA PHE B 275 23.43 4.26 15.59
C PHE B 275 24.89 4.57 15.94
N ARG B 276 25.64 5.09 14.97
CA ARG B 276 27.09 5.21 15.05
C ARG B 276 27.55 6.65 15.16
N GLU B 277 26.61 7.58 15.30
CA GLU B 277 26.90 9.00 15.35
C GLU B 277 26.68 9.56 16.74
N ASN B 278 27.16 10.79 16.92
CA ASN B 278 26.81 11.57 18.10
C ASN B 278 25.32 11.90 17.95
N HIS B 279 24.52 11.37 18.88
CA HIS B 279 23.07 11.44 18.75
C HIS B 279 22.59 12.87 18.87
N VAL B 280 23.17 13.64 19.77
CA VAL B 280 22.81 15.05 19.93
C VAL B 280 23.11 15.82 18.65
N GLU B 281 24.29 15.65 18.06
N GLU B 281 24.33 15.63 18.10
CA GLU B 281 24.62 16.39 16.86
CA GLU B 281 24.80 16.24 16.82
C GLU B 281 23.75 15.96 15.66
C GLU B 281 23.81 15.93 15.69
N ALA B 282 23.34 14.70 15.63
CA ALA B 282 22.42 14.26 14.60
C ALA B 282 21.12 15.02 14.70
N ALA B 283 20.55 15.17 15.91
CA ALA B 283 19.33 15.96 16.07
C ALA B 283 19.55 17.41 15.67
N GLN B 284 20.67 17.98 16.03
CA GLN B 284 20.99 19.36 15.68
C GLN B 284 21.03 19.57 14.17
N LEU B 285 21.68 18.67 13.44
CA LEU B 285 21.75 18.79 11.99
C LEU B 285 20.37 18.64 11.38
N SER B 286 19.53 17.77 11.95
CA SER B 286 18.17 17.59 11.48
C SER B 286 17.37 18.87 11.63
N ILE B 287 17.49 19.51 12.79
CA ILE B 287 16.78 20.76 13.03
C ILE B 287 17.25 21.86 12.10
N ARG B 288 18.56 21.92 11.83
CA ARG B 288 19.04 22.91 10.88
C ARG B 288 18.36 22.73 9.51
N PHE B 289 18.21 21.47 9.09
CA PHE B 289 17.57 21.21 7.82
C PHE B 289 16.10 21.55 7.85
N LEU B 290 15.41 21.21 8.92
CA LEU B 290 13.99 21.52 9.01
C LEU B 290 13.75 23.02 9.01
N LYS B 291 14.64 23.77 9.66
CA LYS B 291 14.54 25.23 9.61
C LYS B 291 14.71 25.75 8.18
N HIS B 292 15.62 25.13 7.42
CA HIS B 292 15.76 25.46 6.00
C HIS B 292 14.47 25.16 5.26
N ILE B 293 13.85 24.02 5.52
CA ILE B 293 12.57 23.68 4.89
C ILE B 293 11.51 24.74 5.17
N TYR B 294 11.46 25.19 6.43
CA TYR B 294 10.51 26.19 6.83
C TYR B 294 10.76 27.48 6.06
N ARG B 295 12.01 27.89 5.97
CA ARG B 295 12.31 29.11 5.22
C ARG B 295 12.02 28.94 3.72
N ALA B 296 12.34 27.75 3.20
CA ALA B 296 12.06 27.46 1.80
C ALA B 296 10.56 27.47 1.50
N LEU B 297 9.75 27.02 2.44
CA LEU B 297 8.28 27.06 2.27
C LEU B 297 7.81 28.48 2.19
N ASP B 298 8.46 29.40 2.92
CA ASP B 298 8.10 30.81 2.88
C ASP B 298 8.48 31.44 1.54
N LYS B 299 9.55 30.95 0.92
CA LYS B 299 9.99 31.46 -0.37
C LYS B 299 9.24 30.85 -1.54
N LEU B 300 8.69 29.66 -1.34
CA LEU B 300 8.05 28.90 -2.41
C LEU B 300 6.91 29.69 -3.02
N ASP B 301 6.88 29.74 -4.35
CA ASP B 301 5.80 30.41 -5.07
C ASP B 301 4.65 29.42 -5.20
N ILE B 302 3.83 29.38 -4.17
CA ILE B 302 2.77 28.41 -4.10
C ILE B 302 1.72 28.59 -5.19
N PRO B 303 1.26 29.83 -5.42
CA PRO B 303 0.33 30.01 -6.54
C PRO B 303 0.87 29.51 -7.90
N ALA B 304 2.14 29.79 -8.21
CA ALA B 304 2.70 29.33 -9.47
C ALA B 304 2.81 27.81 -9.49
N LEU B 305 3.17 27.22 -8.35
CA LEU B 305 3.24 25.76 -8.23
C LEU B 305 1.90 25.12 -8.47
N GLN B 306 0.87 25.68 -7.85
CA GLN B 306 -0.45 25.10 -7.96
C GLN B 306 -0.97 25.25 -9.38
N ALA B 307 -0.61 26.33 -10.05
CA ALA B 307 -0.98 26.50 -11.47
C ALA B 307 -0.29 25.43 -12.33
N ALA B 308 0.99 25.15 -12.04
CA ALA B 308 1.70 24.09 -12.74
C ALA B 308 1.05 22.74 -12.47
N GLN B 309 0.61 22.53 -11.25
CA GLN B 309 -0.07 21.29 -10.85
C GLN B 309 -1.41 21.13 -11.54
N GLU B 310 -2.16 22.21 -11.72
CA GLU B 310 -3.38 22.12 -12.47
C GLU B 310 -3.11 21.66 -13.90
N ALA B 311 -2.03 22.17 -14.49
CA ALA B 311 -1.60 21.75 -15.82
C ALA B 311 -0.90 20.39 -15.82
N GLN B 312 -0.59 19.88 -14.63
CA GLN B 312 0.22 18.67 -14.43
C GLN B 312 1.54 18.76 -15.17
N ASN B 313 2.13 19.96 -15.18
CA ASN B 313 3.40 20.20 -15.84
C ASN B 313 4.53 20.04 -14.81
N PRO B 314 5.28 18.92 -14.87
CA PRO B 314 6.26 18.66 -13.85
C PRO B 314 7.51 19.50 -14.00
N LEU B 315 7.77 19.98 -15.21
CA LEU B 315 8.95 20.81 -15.44
C LEU B 315 8.74 22.16 -14.77
N GLN B 316 7.60 22.78 -14.97
CA GLN B 316 7.29 24.04 -14.28
C GLN B 316 7.26 23.86 -12.76
N ALA B 317 6.62 22.79 -12.29
CA ALA B 317 6.51 22.50 -10.87
C ALA B 317 7.90 22.36 -10.27
N GLN B 318 8.74 21.54 -10.90
CA GLN B 318 10.09 21.33 -10.38
C GLN B 318 10.96 22.58 -10.41
N ARG B 319 10.82 23.38 -11.45
CA ARG B 319 11.58 24.63 -11.51
C ARG B 319 11.26 25.53 -10.30
N ILE B 320 9.98 25.66 -10.04
CA ILE B 320 9.49 26.48 -8.92
C ILE B 320 9.98 25.92 -7.60
N VAL B 321 9.87 24.60 -7.45
CA VAL B 321 10.32 23.95 -6.23
C VAL B 321 11.82 24.11 -6.01
N GLN B 322 12.60 23.84 -7.04
CA GLN B 322 14.04 23.97 -6.94
C GLN B 322 14.43 25.41 -6.55
N ASP B 323 13.76 26.42 -7.13
CA ASP B 323 14.06 27.81 -6.81
C ASP B 323 13.96 28.06 -5.31
N ALA B 324 12.98 27.44 -4.66
CA ALA B 324 12.77 27.59 -3.22
C ALA B 324 13.69 26.74 -2.37
N LEU B 325 13.82 25.49 -2.76
CA LEU B 325 14.55 24.51 -1.97
C LEU B 325 16.04 24.74 -2.06
N LEU B 326 16.55 25.12 -3.23
N LEU B 326 16.53 25.13 -3.26
CA LEU B 326 17.98 25.32 -3.36
CA LEU B 326 17.96 25.45 -3.53
C LEU B 326 18.45 26.69 -2.87
C LEU B 326 18.22 26.99 -3.49
N SER B 327 17.58 27.45 -2.16
N SER B 327 18.42 27.48 -2.25
CA SER B 327 17.90 28.73 -1.65
CA SER B 327 18.51 28.92 -2.02
C SER B 327 18.93 28.38 -0.60
C SER B 327 19.32 29.39 -0.78
N SER B 328 19.72 29.36 -0.26
N SER B 328 20.53 28.84 -0.53
CA SER B 328 20.85 29.18 0.60
CA SER B 328 21.31 29.25 0.63
C SER B 328 20.49 28.73 2.00
C SER B 328 20.71 28.83 1.98
N ILE B 329 21.17 27.69 2.47
CA ILE B 329 20.93 27.21 3.83
C ILE B 329 21.80 28.03 4.80
N THR B 330 22.91 28.56 4.31
CA THR B 330 23.85 29.36 5.12
C THR B 330 23.45 30.82 5.20
N VAL B 331 22.42 31.20 4.44
CA VAL B 331 21.72 32.46 4.69
C VAL B 331 20.42 32.07 5.45
N SER B 332 20.51 32.07 6.79
CA SER B 332 19.39 31.73 7.68
C SER B 332 18.53 32.98 7.98
FE FE C . 0.16 -7.17 -15.11
FE FE C . -0.62 -5.69 -15.35
FE FE D . -4.22 -7.67 -14.96
MG MG E . -11.63 -32.30 1.20
CL CL F . -16.58 -10.54 -3.15
O1 UNL G . -2.98 -4.17 -16.62
O2 UNL G . -1.09 -3.78 -16.14
O3 UNL G . -2.73 -5.72 -15.87
O4 UNL G . -5.05 -5.83 -17.07
O5 UNL G . -2.69 -6.04 -18.65
O6 UNL G . -5.94 -4.54 -19.34
O7 UNL G . -5.58 -4.04 -21.99
O8 UNL G . -4.19 -4.75 -23.06
O9 UNL G . -3.10 -3.80 -22.16
O1 UNL H . -11.94 -29.58 3.55
O2 UNL H . -12.34 -28.17 3.10
O3 UNL H . -12.62 -27.73 2.07
O4 UNL H . -12.38 -27.15 4.44
O5 UNL H . -12.08 -27.67 5.79
O6 UNL H . -12.23 -26.65 6.99
O7 UNL H . -12.65 -25.20 6.42
O8 UNL H . -12.67 -25.01 5.07
O9 UNL H . -12.62 -25.89 4.09
C1 EDO I . -1.52 6.99 -5.68
O1 EDO I . -2.87 7.46 -5.64
C2 EDO I . -0.64 7.86 -4.77
O2 EDO I . -0.19 9.03 -5.46
C1 EDO J . -25.60 -5.05 -11.24
O1 EDO J . -24.77 -6.19 -11.44
C2 EDO J . -24.74 -3.86 -10.83
O2 EDO J . -24.00 -4.19 -9.64
C1 EDO K . -16.35 -14.75 -12.90
O1 EDO K . -17.63 -14.26 -12.50
C2 EDO K . -15.29 -14.03 -12.07
O2 EDO K . -14.82 -12.89 -12.77
C1 EDO L . -1.98 -7.18 1.49
O1 EDO L . -3.26 -6.52 1.48
C2 EDO L . -0.95 -6.65 2.50
O2 EDO L . -0.06 -5.58 2.12
C1 EDO M . 9.65 -12.05 -30.13
O1 EDO M . 9.66 -11.12 -31.22
C2 EDO M . 9.64 -13.51 -30.58
O2 EDO M . 10.64 -13.76 -31.58
C1 EDO N . -13.13 -17.63 5.40
O1 EDO N . -14.23 -17.11 6.15
C2 EDO N . -11.79 -17.12 5.94
O2 EDO N . -11.36 -17.90 7.08
FE FE O . 10.37 3.41 12.12
FE FE O . 11.40 4.42 11.27
FE FE P . 8.33 6.66 13.59
MG MG Q . -14.27 -8.37 21.17
CL CL R . -6.01 15.86 10.46
O1 UNL S . 9.70 1.70 13.25
O2 UNL S . 9.16 4.16 13.64
O3 UNL S . 8.84 2.67 14.60
O4 UNL S . 8.32 5.16 15.95
O5 UNL S . 8.64 3.50 16.52
O6 UNL S . 8.27 3.90 18.47
O7 UNL S . 9.85 3.03 20.62
O8 UNL S . 11.84 2.37 19.68
O9 UNL S . 10.83 2.63 17.60
C1 EDO T . -13.54 9.51 8.77
O1 EDO T . -13.10 10.63 9.53
C2 EDO T . -12.48 8.42 8.75
O2 EDO T . -13.02 7.14 9.10
C1 EDO U . -4.99 20.91 -0.56
O1 EDO U . -5.11 21.54 -1.86
C2 EDO U . -5.33 21.95 0.51
O2 EDO U . -6.69 22.39 0.35
C1 EDO V . -10.10 12.07 21.89
O1 EDO V . -10.30 12.34 20.49
C2 EDO V . -10.65 13.20 22.76
O2 EDO V . -9.63 14.19 22.91
C1 EDO W . -0.87 -7.77 5.35
O1 EDO W . -0.85 -9.01 6.04
C2 EDO W . -0.72 -6.54 6.28
O2 EDO W . -1.88 -6.33 7.09
C1 EDO X . 28.66 3.12 17.76
O1 EDO X . 28.91 2.19 18.81
C2 EDO X . 29.41 4.44 17.98
O2 EDO X . 30.80 4.17 18.14
C1 EDO Y . 1.69 17.24 16.87
O1 EDO Y . 1.01 15.99 16.97
C2 EDO Y . 1.10 18.33 17.76
O2 EDO Y . -0.22 18.67 17.34
C1 EDO Z . -4.97 -15.07 13.60
O1 EDO Z . -5.58 -16.02 14.42
C2 EDO Z . -3.63 -15.61 13.17
O2 EDO Z . -3.77 -16.67 12.25
C1 EDO AA . 13.70 26.46 21.87
O1 EDO AA . 13.00 27.08 20.79
C2 EDO AA . 12.96 25.22 22.33
O2 EDO AA . 13.75 24.52 23.29
C1 EDO BA . 12.88 5.29 27.80
O1 EDO BA . 12.92 4.16 26.91
C2 EDO BA . 11.52 5.44 28.49
O2 EDO BA . 10.77 6.61 28.12
#